data_9N88
#
_entry.id   9N88
#
loop_
_entity.id
_entity.type
_entity.pdbx_description
1 polymer 'Serine/threonine-protein kinase/endoribonuclease IRE1'
2 polymer 'von Hippel-Lindau disease tumor suppressor'
3 polymer Elongin-C
4 polymer 'Elongin-B peptide'
5 non-polymer 3-methyl-N-(5-{4-[(1r,4S)-4-{[7-oxo-8-(propan-2-yl)-7,8-dihydropyrido[2,3-d]pyrimidin-2-yl]amino}cyclohexyl]piperazin-1-yl}pentanoyl)-L-valyl-(4R)-4-hydroxy-N-{[4-(4-methyl-1,3-thiazol-5-yl)phenyl]methyl}-L-prolinamide
6 water water
#
loop_
_entity_poly.entity_id
_entity_poly.type
_entity_poly.pdbx_seq_one_letter_code
_entity_poly.pdbx_strand_id
1 'polypeptide(L)'
;VVIVGKISFCPKDVLGHGAEGTIVYRGMFDNRDVAVKRILPECFSFADREVQLLRESDEHPNVIRYFCTEKDRQFQYIAI
ELCAATLQEYVEQKDFAHLGLEPITLLQQTTSGLAHLHSLNIVHRDLKPHNILISMPNAHGKIKAMISDFGLCKKLAVGR
HSFSRRSGVPGTEGWIAPEMLSEDCKENPTYTVDIFSAGCVFYYVISEGSHPFGKSLQRQANILLGACSLDCLHPEKHED
VIARELIEKMIAMDPQKRPSAKHVLKHPFFWSLEKQLQFFQDVSDRIEKESLDGPIVKQLERGGRAVVKMDWRENITVPL
QTDLRKFRTYKGGSVRDLLRAMRNKKHHYRELPAEVRETLGSLPDDFVCYFTSRFPHLLAHTYRAMELCSHERLFQPYYF
HE
;
A,E
2 'polypeptide(L)'
;PVLRSVNSREPSQVIFCNRSPRVVLPVWLNFDGEPQPYPTLPPGTGRRIHSYRGHLWLFRDAGTHDGLLVNQTELFVPSL
NVDGQPIFANITLPVYTLKERCLQVVRSLVKPENYRRLDIVRSLYEDLEDHPNVQKDLERLTQERIA
;
B,F
3 'polypeptide(L)'
;MYVKLISSDGHEFIVKREHALTSGTIKAMLSGPGQFAENETNEVNFREIPSHVLSKVCMYFTYKVRYTNSSTEIPEFPIA
PEIALELLMAANFL
;
G,C
4 'polypeptide(L)' RPQAPA D,H
#
# COMPACT_ATOMS: atom_id res chain seq x y z
N VAL A 1 8.05 -8.08 26.43
CA VAL A 1 7.80 -7.24 25.28
C VAL A 1 8.77 -6.06 25.28
N VAL A 2 9.30 -5.75 24.10
CA VAL A 2 10.26 -4.66 23.91
C VAL A 2 9.57 -3.56 23.13
N ILE A 3 9.69 -2.32 23.61
CA ILE A 3 9.12 -1.16 22.95
C ILE A 3 10.27 -0.25 22.53
N VAL A 4 10.28 0.13 21.25
CA VAL A 4 11.30 1.02 20.71
C VAL A 4 10.60 2.25 20.15
N GLY A 5 9.36 2.47 20.56
CA GLY A 5 8.57 3.58 20.08
C GLY A 5 7.21 3.11 19.59
N LYS A 6 6.92 3.33 18.31
CA LYS A 6 5.72 2.75 17.72
C LYS A 6 5.87 1.25 17.55
N ILE A 7 7.11 0.77 17.35
CA ILE A 7 7.38 -0.65 17.14
C ILE A 7 7.50 -1.33 18.50
N SER A 8 6.94 -2.55 18.60
CA SER A 8 7.06 -3.36 19.79
C SER A 8 7.01 -4.82 19.37
N PHE A 9 7.62 -5.69 20.16
CA PHE A 9 7.62 -7.11 19.84
C PHE A 9 7.97 -7.92 21.07
N CYS A 10 7.63 -9.20 21.02
CA CYS A 10 8.07 -10.16 22.02
C CYS A 10 9.38 -10.80 21.56
N PRO A 11 10.46 -10.71 22.34
CA PRO A 11 11.74 -11.30 21.91
C PRO A 11 11.69 -12.80 21.66
N LYS A 12 10.71 -13.51 22.21
CA LYS A 12 10.61 -14.95 22.01
C LYS A 12 9.96 -15.32 20.69
N ASP A 13 9.31 -14.36 20.02
CA ASP A 13 8.53 -14.64 18.81
C ASP A 13 9.38 -14.38 17.57
N VAL A 14 10.32 -15.29 17.34
CA VAL A 14 11.19 -15.21 16.17
C VAL A 14 10.47 -15.81 14.97
N LEU A 15 10.41 -15.06 13.87
CA LEU A 15 9.88 -15.56 12.62
C LEU A 15 10.94 -16.24 11.77
N GLY A 16 12.18 -15.79 11.87
CA GLY A 16 13.27 -16.30 11.07
C GLY A 16 14.40 -15.31 11.08
N HIS A 17 15.27 -15.43 10.08
CA HIS A 17 16.51 -14.67 10.04
C HIS A 17 16.68 -14.03 8.67
N GLY A 18 17.55 -13.00 8.65
CA GLY A 18 18.06 -12.42 7.43
C GLY A 18 19.57 -12.59 7.38
N ALA A 19 20.27 -11.60 6.84
CA ALA A 19 21.71 -11.69 6.67
C ALA A 19 22.44 -10.90 7.73
N GLU A 20 23.54 -11.49 8.22
CA GLU A 20 24.46 -10.83 9.15
C GLU A 20 23.78 -10.52 10.49
N GLY A 21 23.18 -11.53 11.08
CA GLY A 21 22.69 -11.43 12.44
C GLY A 21 21.33 -10.82 12.62
N THR A 22 20.64 -10.47 11.53
CA THR A 22 19.34 -9.80 11.62
C THR A 22 18.27 -10.86 11.89
N ILE A 23 17.68 -10.81 13.07
CA ILE A 23 16.54 -11.66 13.40
C ILE A 23 15.26 -10.90 13.09
N VAL A 24 14.27 -11.61 12.58
CA VAL A 24 12.95 -11.07 12.31
C VAL A 24 11.99 -11.62 13.36
N TYR A 25 11.21 -10.73 13.97
CA TYR A 25 10.28 -11.08 15.01
C TYR A 25 8.86 -10.79 14.55
N ARG A 26 7.90 -11.41 15.24
CA ARG A 26 6.51 -11.01 15.09
C ARG A 26 6.22 -9.85 16.03
N GLY A 27 6.11 -8.65 15.48
CA GLY A 27 5.90 -7.48 16.29
C GLY A 27 4.53 -6.85 16.14
N MET A 28 4.45 -5.57 16.51
CA MET A 28 3.23 -4.79 16.45
C MET A 28 3.63 -3.34 16.25
N PHE A 29 3.02 -2.69 15.26
CA PHE A 29 3.28 -1.29 14.99
C PHE A 29 1.96 -0.60 14.68
N ASP A 30 1.62 0.41 15.47
CA ASP A 30 0.39 1.18 15.29
C ASP A 30 -0.81 0.25 15.22
N ASN A 31 -0.84 -0.72 16.13
CA ASN A 31 -1.88 -1.73 16.28
C ASN A 31 -1.97 -2.69 15.10
N ARG A 32 -1.03 -2.62 14.16
CA ARG A 32 -0.93 -3.61 13.09
C ARG A 32 0.02 -4.73 13.48
N ASP A 33 -0.31 -5.95 13.08
CA ASP A 33 0.68 -7.02 13.13
C ASP A 33 1.74 -6.80 12.06
N VAL A 34 3.00 -6.79 12.47
CA VAL A 34 4.10 -6.57 11.55
C VAL A 34 5.20 -7.59 11.80
N ALA A 35 6.13 -7.65 10.87
CA ALA A 35 7.40 -8.32 11.08
C ALA A 35 8.45 -7.27 11.40
N VAL A 36 9.25 -7.53 12.43
CA VAL A 36 10.24 -6.58 12.90
C VAL A 36 11.63 -7.18 12.66
N LYS A 37 12.39 -6.55 11.77
CA LYS A 37 13.78 -6.93 11.56
C LYS A 37 14.66 -6.15 12.51
N ARG A 38 15.43 -6.86 13.33
CA ARG A 38 16.39 -6.24 14.23
C ARG A 38 17.76 -6.24 13.56
N ILE A 39 18.38 -5.07 13.50
CA ILE A 39 19.62 -4.88 12.74
C ILE A 39 20.74 -4.57 13.72
N LEU A 40 21.85 -5.31 13.61
CA LEU A 40 23.02 -5.05 14.43
C LEU A 40 23.74 -3.81 13.94
N PRO A 41 24.44 -3.09 14.83
CA PRO A 41 25.13 -1.86 14.43
C PRO A 41 25.99 -1.98 13.18
N GLU A 42 26.62 -3.13 12.97
CA GLU A 42 27.49 -3.28 11.80
C GLU A 42 26.71 -3.27 10.50
N CYS A 43 25.39 -3.37 10.56
CA CYS A 43 24.54 -3.42 9.39
C CYS A 43 23.62 -2.20 9.28
N PHE A 44 23.88 -1.16 10.07
CA PHE A 44 23.06 0.05 10.00
C PHE A 44 23.17 0.72 8.63
N SER A 45 24.34 0.64 7.99
CA SER A 45 24.48 1.19 6.64
C SER A 45 23.62 0.43 5.64
N PHE A 46 23.57 -0.89 5.76
CA PHE A 46 22.77 -1.69 4.83
C PHE A 46 21.29 -1.54 5.11
N ALA A 47 20.90 -1.51 6.39
CA ALA A 47 19.50 -1.35 6.73
C ALA A 47 18.97 0.02 6.31
N ASP A 48 19.86 0.99 6.09
CA ASP A 48 19.42 2.29 5.59
C ASP A 48 19.11 2.22 4.10
N ARG A 49 19.96 1.53 3.34
CA ARG A 49 19.70 1.35 1.91
C ARG A 49 18.45 0.50 1.68
N GLU A 50 18.19 -0.45 2.57
CA GLU A 50 16.97 -1.26 2.46
C GLU A 50 15.73 -0.41 2.70
N VAL A 51 15.72 0.36 3.79
CA VAL A 51 14.60 1.22 4.11
C VAL A 51 14.36 2.23 3.00
N GLN A 52 15.44 2.79 2.44
CA GLN A 52 15.29 3.78 1.37
C GLN A 52 14.65 3.15 0.13
N LEU A 53 15.07 1.93 -0.21
CA LEU A 53 14.45 1.23 -1.33
C LEU A 53 13.01 0.84 -1.01
N LEU A 54 12.74 0.47 0.24
CA LEU A 54 11.39 0.09 0.63
C LEU A 54 10.41 1.25 0.54
N ARG A 55 10.79 2.39 1.13
CA ARG A 55 9.85 3.51 1.17
C ARG A 55 9.78 4.24 -0.17
N GLU A 56 10.91 4.40 -0.86
CA GLU A 56 10.90 5.20 -2.08
C GLU A 56 10.44 4.43 -3.30
N SER A 57 10.28 3.11 -3.20
CA SER A 57 9.62 2.38 -4.27
C SER A 57 8.14 2.73 -4.30
N ASP A 58 7.59 2.83 -5.51
CA ASP A 58 6.14 2.93 -5.63
C ASP A 58 5.51 1.70 -5.00
N GLU A 59 4.37 1.88 -4.34
CA GLU A 59 3.71 0.76 -3.71
C GLU A 59 3.20 -0.21 -4.76
N HIS A 60 3.43 -1.49 -4.52
CA HIS A 60 2.99 -2.52 -5.44
C HIS A 60 2.39 -3.63 -4.61
N PRO A 61 1.29 -4.24 -5.05
CA PRO A 61 0.70 -5.33 -4.26
C PRO A 61 1.64 -6.48 -4.01
N ASN A 62 2.59 -6.71 -4.92
CA ASN A 62 3.49 -7.86 -4.84
C ASN A 62 4.90 -7.47 -4.39
N VAL A 63 5.03 -6.34 -3.72
CA VAL A 63 6.26 -5.95 -3.05
C VAL A 63 5.92 -5.82 -1.57
N ILE A 64 6.81 -6.31 -0.71
CA ILE A 64 6.58 -6.23 0.73
C ILE A 64 6.31 -4.80 1.13
N ARG A 65 5.37 -4.61 2.06
CA ARG A 65 4.99 -3.28 2.49
C ARG A 65 5.80 -2.86 3.71
N TYR A 66 6.32 -1.64 3.66
CA TYR A 66 7.18 -1.11 4.71
C TYR A 66 6.41 -0.09 5.53
N PHE A 67 6.55 -0.16 6.85
CA PHE A 67 5.76 0.71 7.72
C PHE A 67 6.60 1.78 8.40
N CYS A 68 7.61 1.36 9.17
CA CYS A 68 8.37 2.31 9.95
C CYS A 68 9.74 1.72 10.23
N THR A 69 10.63 2.58 10.72
CA THR A 69 11.92 2.14 11.24
C THR A 69 12.22 2.93 12.50
N GLU A 70 12.68 2.22 13.52
CA GLU A 70 13.07 2.82 14.80
C GLU A 70 14.55 2.54 15.05
N LYS A 71 15.16 3.39 15.86
CA LYS A 71 16.52 3.18 16.32
C LYS A 71 16.51 3.10 17.84
N ASP A 72 17.02 1.99 18.36
CA ASP A 72 17.32 1.85 19.77
C ASP A 72 18.76 2.31 20.02
N ARG A 73 19.25 2.11 21.24
CA ARG A 73 20.65 2.41 21.51
C ARG A 73 21.57 1.37 20.88
N GLN A 74 21.11 0.12 20.79
CA GLN A 74 21.91 -0.94 20.21
C GLN A 74 21.55 -1.26 18.77
N PHE A 75 20.26 -1.36 18.46
CA PHE A 75 19.83 -1.94 17.19
C PHE A 75 18.94 -0.99 16.42
N GLN A 76 18.82 -1.25 15.13
CA GLN A 76 17.77 -0.69 14.30
C GLN A 76 16.61 -1.68 14.22
N TYR A 77 15.43 -1.15 14.00
CA TYR A 77 14.23 -1.97 13.83
C TYR A 77 13.51 -1.51 12.58
N ILE A 78 13.06 -2.46 11.77
CA ILE A 78 12.29 -2.17 10.57
C ILE A 78 10.98 -2.94 10.68
N ALA A 79 9.87 -2.22 10.63
CA ALA A 79 8.56 -2.85 10.60
C ALA A 79 8.14 -3.02 9.14
N ILE A 80 7.77 -4.25 8.78
CA ILE A 80 7.34 -4.57 7.43
C ILE A 80 6.10 -5.46 7.54
N GLU A 81 5.48 -5.68 6.40
CA GLU A 81 4.26 -6.49 6.34
C GLU A 81 4.52 -7.89 6.87
N LEU A 82 3.66 -8.34 7.77
CA LEU A 82 3.76 -9.70 8.29
C LEU A 82 3.11 -10.67 7.30
N CYS A 83 3.88 -11.64 6.85
CA CYS A 83 3.41 -12.65 5.92
C CYS A 83 3.20 -13.98 6.62
N ALA A 84 2.67 -14.94 5.88
CA ALA A 84 2.38 -16.25 6.46
C ALA A 84 3.49 -17.26 6.23
N ALA A 85 4.14 -17.22 5.07
CA ALA A 85 5.15 -18.20 4.73
C ALA A 85 6.10 -17.63 3.70
N THR A 86 7.12 -18.40 3.37
CA THR A 86 7.95 -18.13 2.21
C THR A 86 7.53 -19.04 1.06
N LEU A 87 8.02 -18.70 -0.13
CA LEU A 87 7.80 -19.57 -1.29
C LEU A 87 8.49 -20.91 -1.11
N GLN A 88 9.59 -20.94 -0.37
CA GLN A 88 10.25 -22.22 -0.08
C GLN A 88 9.36 -23.10 0.78
N GLU A 89 8.74 -22.54 1.81
CA GLU A 89 7.80 -23.30 2.62
C GLU A 89 6.58 -23.72 1.82
N TYR A 90 6.14 -22.87 0.88
CA TYR A 90 5.02 -23.24 0.02
C TYR A 90 5.36 -24.47 -0.82
N VAL A 91 6.50 -24.42 -1.53
CA VAL A 91 6.90 -25.53 -2.37
C VAL A 91 7.18 -26.79 -1.56
N GLU A 92 8.00 -26.68 -0.50
CA GLU A 92 8.47 -27.85 0.23
C GLU A 92 7.52 -28.34 1.31
N GLN A 93 6.64 -27.48 1.81
CA GLN A 93 5.57 -27.89 2.72
C GLN A 93 4.24 -27.61 2.04
N LYS A 94 3.79 -28.56 1.22
CA LYS A 94 2.49 -28.42 0.56
C LYS A 94 1.34 -28.36 1.57
N ASP A 95 1.54 -28.94 2.76
CA ASP A 95 0.53 -28.90 3.81
C ASP A 95 0.27 -27.51 4.35
N PHE A 96 1.03 -26.50 3.92
CA PHE A 96 0.72 -25.12 4.27
C PHE A 96 -0.68 -24.76 3.77
N ALA A 97 -1.38 -23.93 4.55
CA ALA A 97 -2.75 -23.54 4.23
C ALA A 97 -2.70 -22.50 3.11
N HIS A 98 -2.69 -23.00 1.87
CA HIS A 98 -2.64 -22.15 0.69
C HIS A 98 -4.04 -22.05 0.11
N LEU A 99 -4.76 -21.00 0.51
CA LEU A 99 -6.14 -20.84 0.08
C LEU A 99 -6.18 -20.31 -1.35
N GLY A 100 -6.39 -21.21 -2.30
CA GLY A 100 -6.69 -20.83 -3.67
C GLY A 100 -5.55 -20.29 -4.50
N LEU A 101 -4.42 -19.98 -3.88
CA LEU A 101 -3.27 -19.51 -4.65
C LEU A 101 -2.72 -20.66 -5.49
N GLU A 102 -2.45 -20.37 -6.77
CA GLU A 102 -2.04 -21.36 -7.73
C GLU A 102 -0.58 -21.09 -8.11
N PRO A 103 0.20 -22.13 -8.41
CA PRO A 103 1.63 -21.90 -8.70
C PRO A 103 1.88 -20.91 -9.82
N ILE A 104 1.07 -20.89 -10.87
CA ILE A 104 1.34 -19.97 -11.98
C ILE A 104 0.88 -18.56 -11.62
N THR A 105 -0.18 -18.44 -10.82
CA THR A 105 -0.57 -17.13 -10.32
C THR A 105 0.45 -16.60 -9.34
N LEU A 106 0.96 -17.46 -8.46
CA LEU A 106 2.11 -17.15 -7.62
C LEU A 106 3.27 -16.60 -8.44
N LEU A 107 3.68 -17.32 -9.50
CA LEU A 107 4.78 -16.87 -10.34
C LEU A 107 4.46 -15.58 -11.07
N GLN A 108 3.21 -15.41 -11.50
CA GLN A 108 2.82 -14.18 -12.17
C GLN A 108 2.91 -12.98 -11.23
N GLN A 109 2.49 -13.17 -9.97
CA GLN A 109 2.62 -12.12 -8.98
C GLN A 109 4.08 -11.80 -8.69
N THR A 110 4.92 -12.82 -8.60
CA THR A 110 6.34 -12.59 -8.37
C THR A 110 6.96 -11.81 -9.52
N THR A 111 6.63 -12.16 -10.77
CA THR A 111 7.14 -11.43 -11.91
C THR A 111 6.56 -10.03 -12.02
N SER A 112 5.33 -9.83 -11.54
CA SER A 112 4.74 -8.50 -11.51
C SER A 112 5.49 -7.58 -10.55
N GLY A 113 5.77 -8.06 -9.34
CA GLY A 113 6.58 -7.30 -8.42
C GLY A 113 7.99 -7.08 -8.94
N LEU A 114 8.55 -8.08 -9.61
CA LEU A 114 9.90 -7.95 -10.17
C LEU A 114 9.94 -6.96 -11.31
N ALA A 115 8.95 -6.99 -12.20
CA ALA A 115 8.88 -6.02 -13.29
C ALA A 115 8.65 -4.61 -12.77
N HIS A 116 7.99 -4.49 -11.62
CA HIS A 116 7.82 -3.19 -10.98
C HIS A 116 9.16 -2.67 -10.47
N LEU A 117 9.96 -3.52 -9.83
CA LEU A 117 11.28 -3.11 -9.39
C LEU A 117 12.16 -2.73 -10.56
N HIS A 118 12.15 -3.54 -11.62
CA HIS A 118 12.96 -3.26 -12.80
C HIS A 118 12.55 -1.96 -13.47
N SER A 119 11.27 -1.59 -13.39
CA SER A 119 10.83 -0.33 -13.97
C SER A 119 11.29 0.87 -13.13
N LEU A 120 11.60 0.63 -11.86
CA LEU A 120 12.21 1.63 -11.00
C LEU A 120 13.73 1.59 -11.06
N ASN A 121 14.30 0.84 -11.99
CA ASN A 121 15.74 0.65 -12.13
C ASN A 121 16.34 -0.02 -10.89
N ILE A 122 15.56 -0.88 -10.24
CA ILE A 122 16.02 -1.61 -9.05
C ILE A 122 16.28 -3.06 -9.46
N VAL A 123 17.50 -3.52 -9.22
CA VAL A 123 17.86 -4.92 -9.41
C VAL A 123 17.80 -5.62 -8.07
N HIS A 124 17.01 -6.69 -7.99
CA HIS A 124 16.88 -7.44 -6.73
C HIS A 124 18.22 -8.04 -6.32
N ARG A 125 18.91 -8.67 -7.27
CA ARG A 125 20.27 -9.20 -7.11
C ARG A 125 20.34 -10.39 -6.17
N ASP A 126 19.21 -10.82 -5.59
CA ASP A 126 19.26 -11.93 -4.67
C ASP A 126 17.97 -12.75 -4.69
N LEU A 127 17.23 -12.72 -5.80
CA LEU A 127 15.90 -13.34 -5.84
C LEU A 127 15.99 -14.84 -5.67
N LYS A 128 15.25 -15.37 -4.69
CA LYS A 128 15.21 -16.80 -4.45
C LYS A 128 13.93 -17.10 -3.67
N PRO A 129 13.50 -18.37 -3.64
CA PRO A 129 12.25 -18.70 -2.93
C PRO A 129 12.22 -18.27 -1.47
N HIS A 130 13.35 -17.99 -0.85
CA HIS A 130 13.37 -17.55 0.54
C HIS A 130 12.97 -16.09 0.68
N ASN A 131 13.27 -15.27 -0.32
CA ASN A 131 12.93 -13.85 -0.33
C ASN A 131 11.53 -13.58 -0.85
N ILE A 132 10.85 -14.59 -1.40
CA ILE A 132 9.50 -14.44 -1.92
C ILE A 132 8.55 -14.91 -0.82
N LEU A 133 7.68 -14.03 -0.38
CA LEU A 133 6.84 -14.26 0.78
C LEU A 133 5.40 -14.45 0.36
N ILE A 134 4.71 -15.36 1.03
CA ILE A 134 3.29 -15.63 0.81
C ILE A 134 2.52 -14.85 1.88
N SER A 135 1.56 -14.04 1.44
CA SER A 135 0.89 -13.11 2.33
C SER A 135 -0.08 -13.82 3.27
N MET A 136 -0.42 -13.13 4.34
CA MET A 136 -1.58 -13.51 5.14
C MET A 136 -2.85 -13.25 4.32
N PRO A 137 -3.88 -14.08 4.48
CA PRO A 137 -5.11 -13.86 3.69
C PRO A 137 -5.78 -12.56 4.08
N ASN A 138 -6.28 -11.84 3.07
CA ASN A 138 -6.97 -10.59 3.30
C ASN A 138 -8.39 -10.86 3.77
N ALA A 139 -9.22 -9.80 3.80
CA ALA A 139 -10.59 -9.95 4.29
C ALA A 139 -11.42 -10.83 3.38
N HIS A 140 -10.96 -11.08 2.15
CA HIS A 140 -11.64 -11.96 1.22
C HIS A 140 -11.00 -13.33 1.14
N GLY A 141 -10.01 -13.62 2.00
CA GLY A 141 -9.31 -14.88 1.96
C GLY A 141 -8.32 -15.06 0.84
N LYS A 142 -7.94 -13.99 0.15
CA LYS A 142 -7.02 -14.08 -0.97
C LYS A 142 -5.57 -13.94 -0.50
N ILE A 143 -4.70 -14.75 -1.09
CA ILE A 143 -3.30 -14.82 -0.74
C ILE A 143 -2.47 -14.46 -1.96
N LYS A 144 -1.41 -13.68 -1.77
CA LYS A 144 -0.59 -13.21 -2.87
C LYS A 144 0.88 -13.43 -2.53
N ALA A 145 1.72 -13.35 -3.57
CA ALA A 145 3.16 -13.43 -3.40
C ALA A 145 3.75 -12.03 -3.42
N MET A 146 4.72 -11.78 -2.54
CA MET A 146 5.38 -10.49 -2.45
C MET A 146 6.89 -10.69 -2.46
N ILE A 147 7.60 -9.65 -2.88
CA ILE A 147 9.05 -9.66 -3.00
C ILE A 147 9.63 -8.81 -1.89
N SER A 148 10.54 -9.39 -1.11
CA SER A 148 11.27 -8.69 -0.06
C SER A 148 12.77 -8.86 -0.28
N ASP A 149 13.55 -8.16 0.53
CA ASP A 149 15.01 -8.31 0.59
C ASP A 149 15.67 -7.96 -0.74
N PHE A 150 15.10 -7.03 -1.48
CA PHE A 150 15.58 -6.70 -2.82
C PHE A 150 16.57 -5.56 -2.79
N GLY A 151 17.26 -5.37 -3.91
CA GLY A 151 18.25 -4.33 -4.02
C GLY A 151 19.45 -4.50 -3.13
N LEU A 152 19.78 -5.74 -2.77
CA LEU A 152 20.81 -6.11 -1.80
C LEU A 152 20.39 -5.80 -0.36
N CYS A 153 19.14 -5.38 -0.17
CA CYS A 153 18.59 -5.01 1.13
C CYS A 153 19.52 -4.02 1.84
N PRO A 170 24.41 -11.96 -4.81
CA PRO A 170 25.74 -12.58 -4.73
C PRO A 170 25.91 -13.39 -3.45
N GLY A 171 26.87 -14.33 -3.45
CA GLY A 171 27.11 -15.14 -2.28
C GLY A 171 26.18 -16.33 -2.16
N THR A 172 24.87 -16.07 -2.27
CA THR A 172 23.86 -17.13 -2.22
C THR A 172 24.24 -18.29 -3.13
N GLU A 173 24.23 -19.51 -2.58
CA GLU A 173 24.59 -20.69 -3.34
C GLU A 173 23.43 -21.15 -4.21
N GLY A 174 23.67 -21.23 -5.51
CA GLY A 174 22.76 -21.87 -6.44
C GLY A 174 21.69 -20.99 -7.06
N TRP A 175 21.79 -19.67 -6.94
CA TRP A 175 20.82 -18.78 -7.56
C TRP A 175 21.45 -17.60 -8.29
N ILE A 176 22.77 -17.54 -8.37
CA ILE A 176 23.46 -16.41 -8.98
C ILE A 176 23.55 -16.61 -10.48
N ALA A 177 23.32 -15.53 -11.23
CA ALA A 177 23.55 -15.57 -12.66
C ALA A 177 25.01 -15.86 -12.95
N PRO A 178 25.31 -16.70 -13.96
CA PRO A 178 26.70 -17.00 -14.29
C PRO A 178 27.62 -15.78 -14.42
N GLU A 179 27.15 -14.72 -15.08
CA GLU A 179 28.04 -13.58 -15.32
C GLU A 179 28.28 -12.73 -14.07
N MET A 180 27.45 -12.87 -13.05
CA MET A 180 27.69 -12.21 -11.78
C MET A 180 28.65 -13.01 -10.90
N LEU A 181 29.10 -14.17 -11.36
CA LEU A 181 30.01 -15.00 -10.60
C LEU A 181 31.18 -15.45 -11.47
N PRO A 189 23.49 -6.13 -11.19
CA PRO A 189 23.69 -4.77 -11.71
C PRO A 189 22.80 -4.49 -12.92
N THR A 190 22.47 -5.56 -13.66
CA THR A 190 21.53 -5.49 -14.76
C THR A 190 20.35 -6.40 -14.44
N TYR A 191 19.18 -6.05 -14.97
CA TYR A 191 17.96 -6.78 -14.65
C TYR A 191 18.06 -8.25 -15.06
N THR A 192 18.94 -8.57 -16.00
CA THR A 192 19.06 -9.95 -16.49
C THR A 192 19.50 -10.93 -15.42
N VAL A 193 20.24 -10.47 -14.41
CA VAL A 193 20.60 -11.38 -13.32
C VAL A 193 19.36 -11.79 -12.54
N ASP A 194 18.35 -10.93 -12.48
CA ASP A 194 17.10 -11.28 -11.82
C ASP A 194 16.25 -12.22 -12.66
N ILE A 195 16.31 -12.08 -13.99
CA ILE A 195 15.55 -12.96 -14.86
C ILE A 195 16.11 -14.37 -14.80
N PHE A 196 17.42 -14.51 -14.59
CA PHE A 196 18.01 -15.83 -14.45
C PHE A 196 17.52 -16.51 -13.18
N SER A 197 17.58 -15.81 -12.04
CA SER A 197 17.13 -16.40 -10.79
C SER A 197 15.62 -16.55 -10.75
N ALA A 198 14.88 -15.65 -11.39
CA ALA A 198 13.45 -15.83 -11.57
C ALA A 198 13.15 -17.09 -12.39
N GLY A 199 13.92 -17.30 -13.47
CA GLY A 199 13.77 -18.53 -14.23
C GLY A 199 14.02 -19.77 -13.40
N CYS A 200 14.99 -19.70 -12.49
CA CYS A 200 15.22 -20.81 -11.57
C CYS A 200 14.09 -20.95 -10.56
N VAL A 201 13.54 -19.83 -10.10
CA VAL A 201 12.38 -19.84 -9.22
C VAL A 201 11.17 -20.45 -9.94
N PHE A 202 10.95 -20.05 -11.19
CA PHE A 202 9.88 -20.61 -12.01
C PHE A 202 9.95 -22.12 -12.04
N TYR A 203 11.10 -22.67 -12.46
CA TYR A 203 11.27 -24.10 -12.51
C TYR A 203 11.13 -24.73 -11.13
N TYR A 204 11.68 -24.07 -10.11
CA TYR A 204 11.56 -24.53 -8.74
C TYR A 204 10.10 -24.74 -8.35
N VAL A 205 9.24 -23.76 -8.62
CA VAL A 205 7.83 -23.87 -8.29
C VAL A 205 7.14 -24.90 -9.17
N ILE A 206 7.41 -24.85 -10.48
CA ILE A 206 6.76 -25.76 -11.42
C ILE A 206 7.07 -27.21 -11.09
N SER A 207 8.34 -27.51 -10.83
CA SER A 207 8.78 -28.87 -10.54
C SER A 207 8.55 -29.28 -9.09
N GLU A 208 8.05 -28.38 -8.25
CA GLU A 208 7.80 -28.65 -6.84
C GLU A 208 9.06 -29.09 -6.10
N GLY A 209 10.09 -28.25 -6.19
CA GLY A 209 11.29 -28.43 -5.39
C GLY A 209 12.58 -28.61 -6.16
N SER A 210 12.56 -29.07 -7.41
CA SER A 210 13.78 -29.29 -8.14
C SER A 210 14.38 -27.96 -8.60
N HIS A 211 15.61 -28.02 -9.06
CA HIS A 211 16.34 -26.84 -9.51
C HIS A 211 16.85 -27.09 -10.93
N PRO A 212 16.89 -26.05 -11.77
CA PRO A 212 17.38 -26.23 -13.14
C PRO A 212 18.82 -26.73 -13.21
N PHE A 213 19.59 -26.59 -12.12
CA PHE A 213 21.00 -26.92 -12.13
C PHE A 213 21.38 -27.92 -11.04
N GLY A 214 20.41 -28.66 -10.50
CA GLY A 214 20.72 -29.82 -9.70
C GLY A 214 20.47 -29.64 -8.22
N LYS A 215 21.16 -30.47 -7.44
CA LYS A 215 21.13 -30.34 -5.99
C LYS A 215 21.98 -29.16 -5.55
N SER A 216 21.87 -28.83 -4.26
CA SER A 216 22.36 -27.53 -3.77
C SER A 216 23.88 -27.41 -3.90
N LEU A 217 24.62 -28.48 -3.57
CA LEU A 217 26.08 -28.39 -3.58
C LEU A 217 26.62 -28.27 -5.01
N GLN A 218 26.10 -29.09 -5.92
CA GLN A 218 26.56 -29.07 -7.31
C GLN A 218 25.94 -27.95 -8.12
N ARG A 219 25.21 -27.04 -7.47
CA ARG A 219 24.33 -26.12 -8.18
C ARG A 219 25.13 -25.03 -8.88
N GLN A 220 25.93 -24.27 -8.12
CA GLN A 220 26.74 -23.23 -8.73
C GLN A 220 27.75 -23.78 -9.71
N ALA A 221 28.30 -24.96 -9.43
CA ALA A 221 29.21 -25.60 -10.38
C ALA A 221 28.46 -25.99 -11.66
N ASN A 222 27.16 -26.23 -11.55
CA ASN A 222 26.35 -26.53 -12.74
C ASN A 222 25.90 -25.26 -13.43
N ILE A 223 25.78 -24.16 -12.69
CA ILE A 223 25.43 -22.89 -13.30
C ILE A 223 26.58 -22.38 -14.18
N LEU A 224 27.81 -22.57 -13.72
CA LEU A 224 28.97 -22.18 -14.52
C LEU A 224 29.12 -23.09 -15.74
N LEU A 225 28.92 -24.40 -15.55
CA LEU A 225 29.04 -25.34 -16.67
C LEU A 225 27.86 -25.25 -17.62
N GLY A 226 26.71 -24.78 -17.17
CA GLY A 226 25.54 -24.66 -18.03
C GLY A 226 24.68 -25.90 -18.15
N ALA A 227 24.45 -26.59 -17.03
CA ALA A 227 23.60 -27.79 -17.06
C ALA A 227 22.24 -27.48 -17.67
N CYS A 228 21.46 -26.61 -17.02
CA CYS A 228 20.11 -26.24 -17.48
C CYS A 228 19.22 -27.46 -17.68
N SER A 229 19.43 -28.49 -16.84
CA SER A 229 18.65 -29.73 -16.94
C SER A 229 17.23 -29.46 -16.45
N LEU A 230 16.27 -29.56 -17.36
CA LEU A 230 14.85 -29.30 -17.05
C LEU A 230 14.01 -30.56 -17.16
N ASP A 231 14.53 -31.69 -16.67
CA ASP A 231 13.93 -33.00 -16.94
C ASP A 231 12.56 -33.17 -16.31
N CYS A 232 12.19 -32.36 -15.32
CA CYS A 232 10.84 -32.44 -14.75
C CYS A 232 9.78 -32.01 -15.74
N LEU A 233 10.13 -31.22 -16.75
CA LEU A 233 9.18 -30.73 -17.75
C LEU A 233 9.07 -31.75 -18.89
N HIS A 234 7.90 -32.35 -19.02
CA HIS A 234 7.69 -33.39 -20.03
C HIS A 234 7.66 -32.77 -21.43
N PRO A 235 8.42 -33.31 -22.39
CA PRO A 235 8.43 -32.73 -23.74
C PRO A 235 7.20 -33.05 -24.57
N GLU A 236 6.16 -33.69 -24.01
CA GLU A 236 4.96 -34.02 -24.76
C GLU A 236 3.70 -33.53 -24.07
N LYS A 237 3.82 -32.80 -22.97
CA LYS A 237 2.69 -32.14 -22.33
C LYS A 237 2.67 -30.69 -22.80
N HIS A 238 1.48 -30.18 -23.11
CA HIS A 238 1.36 -28.83 -23.64
C HIS A 238 1.85 -27.80 -22.64
N GLU A 239 1.49 -27.95 -21.36
CA GLU A 239 1.90 -26.99 -20.35
C GLU A 239 3.40 -27.05 -20.10
N ASP A 240 3.98 -28.25 -20.17
CA ASP A 240 5.42 -28.38 -19.92
C ASP A 240 6.23 -27.91 -21.12
N VAL A 241 5.69 -28.05 -22.33
CA VAL A 241 6.36 -27.50 -23.51
C VAL A 241 6.37 -25.99 -23.44
N ILE A 242 5.27 -25.38 -23.00
CA ILE A 242 5.21 -23.93 -22.87
C ILE A 242 6.09 -23.45 -21.74
N ALA A 243 6.14 -24.21 -20.63
CA ALA A 243 6.93 -23.79 -19.49
C ALA A 243 8.42 -23.98 -19.74
N ARG A 244 8.79 -24.94 -20.59
CA ARG A 244 10.19 -25.12 -20.93
C ARG A 244 10.66 -24.02 -21.88
N GLU A 245 9.77 -23.58 -22.77
CA GLU A 245 10.11 -22.53 -23.72
C GLU A 245 10.45 -21.23 -23.00
N LEU A 246 9.76 -20.93 -21.90
CA LEU A 246 10.03 -19.72 -21.14
C LEU A 246 11.26 -19.90 -20.25
N ILE A 247 11.29 -20.99 -19.48
CA ILE A 247 12.37 -21.18 -18.51
C ILE A 247 13.71 -21.32 -19.21
N GLU A 248 13.76 -22.04 -20.32
CA GLU A 248 15.03 -22.27 -21.01
C GLU A 248 15.72 -20.98 -21.41
N LYS A 249 14.95 -19.94 -21.74
CA LYS A 249 15.56 -18.68 -22.14
C LYS A 249 15.64 -17.66 -21.02
N MET A 250 14.99 -17.92 -19.88
CA MET A 250 15.23 -17.14 -18.68
C MET A 250 16.58 -17.51 -18.05
N ILE A 251 16.91 -18.80 -18.04
CA ILE A 251 18.19 -19.27 -17.51
C ILE A 251 19.26 -19.38 -18.61
N ALA A 252 19.04 -18.71 -19.74
CA ALA A 252 20.02 -18.68 -20.81
C ALA A 252 21.37 -18.22 -20.29
N MET A 253 22.43 -18.91 -20.71
CA MET A 253 23.78 -18.55 -20.27
C MET A 253 24.15 -17.15 -20.77
N ASP A 254 23.84 -16.84 -22.01
CA ASP A 254 24.01 -15.49 -22.52
C ASP A 254 23.02 -14.57 -21.83
N PRO A 255 23.47 -13.55 -21.09
CA PRO A 255 22.50 -12.64 -20.44
C PRO A 255 21.67 -11.85 -21.43
N GLN A 256 22.18 -11.58 -22.63
CA GLN A 256 21.45 -10.77 -23.60
C GLN A 256 20.29 -11.53 -24.22
N LYS A 257 20.27 -12.85 -24.12
CA LYS A 257 19.18 -13.65 -24.67
C LYS A 257 18.02 -13.82 -23.69
N ARG A 258 18.13 -13.27 -22.48
CA ARG A 258 17.07 -13.42 -21.49
C ARG A 258 15.98 -12.39 -21.71
N PRO A 259 14.71 -12.78 -21.62
CA PRO A 259 13.63 -11.80 -21.74
C PRO A 259 13.56 -10.90 -20.53
N SER A 260 13.04 -9.70 -20.74
CA SER A 260 12.74 -8.83 -19.61
C SER A 260 11.57 -9.39 -18.81
N ALA A 261 11.33 -8.80 -17.64
CA ALA A 261 10.23 -9.26 -16.80
C ALA A 261 8.88 -8.95 -17.44
N LYS A 262 8.81 -7.92 -18.28
CA LYS A 262 7.58 -7.65 -19.01
C LYS A 262 7.41 -8.59 -20.20
N HIS A 263 8.51 -9.09 -20.76
CA HIS A 263 8.41 -10.15 -21.75
C HIS A 263 7.91 -11.45 -21.14
N VAL A 264 8.43 -11.79 -19.96
CA VAL A 264 8.02 -13.01 -19.27
C VAL A 264 6.52 -12.99 -18.99
N LEU A 265 6.00 -11.84 -18.54
CA LEU A 265 4.59 -11.76 -18.18
C LEU A 265 3.68 -11.89 -19.39
N LYS A 266 4.16 -11.54 -20.57
CA LYS A 266 3.40 -11.71 -21.80
C LYS A 266 3.48 -13.12 -22.37
N HIS A 267 4.26 -14.00 -21.76
CA HIS A 267 4.49 -15.32 -22.33
C HIS A 267 3.23 -16.18 -22.23
N PRO A 268 3.02 -17.10 -23.19
CA PRO A 268 1.90 -18.05 -23.11
C PRO A 268 1.83 -18.85 -21.82
N PHE A 269 2.95 -18.91 -21.09
CA PHE A 269 2.99 -19.62 -19.83
C PHE A 269 1.96 -19.06 -18.85
N PHE A 270 1.65 -17.77 -18.94
CA PHE A 270 0.71 -17.12 -18.05
C PHE A 270 -0.67 -16.93 -18.66
N TRP A 271 -0.90 -17.43 -19.87
CA TRP A 271 -2.20 -17.23 -20.52
C TRP A 271 -3.24 -18.17 -19.94
N SER A 272 -4.46 -17.67 -19.82
CA SER A 272 -5.58 -18.53 -19.50
C SER A 272 -6.00 -19.32 -20.73
N LEU A 273 -6.78 -20.38 -20.50
CA LEU A 273 -7.29 -21.19 -21.60
C LEU A 273 -8.10 -20.34 -22.59
N GLU A 274 -8.83 -19.35 -22.10
CA GLU A 274 -9.57 -18.46 -22.98
C GLU A 274 -8.63 -17.63 -23.84
N LYS A 275 -7.50 -17.19 -23.29
CA LYS A 275 -6.55 -16.40 -24.06
C LYS A 275 -5.77 -17.28 -25.04
N GLN A 276 -5.55 -18.54 -24.71
CA GLN A 276 -4.91 -19.46 -25.66
C GLN A 276 -5.80 -19.70 -26.86
N LEU A 277 -7.10 -19.89 -26.63
CA LEU A 277 -8.03 -20.10 -27.73
C LEU A 277 -8.24 -18.81 -28.53
N GLN A 278 -8.16 -17.67 -27.87
CA GLN A 278 -8.28 -16.40 -28.58
C GLN A 278 -7.06 -16.15 -29.47
N PHE A 279 -5.87 -16.47 -28.96
CA PHE A 279 -4.67 -16.40 -29.78
C PHE A 279 -4.79 -17.29 -31.02
N PHE A 280 -5.27 -18.52 -30.83
CA PHE A 280 -5.42 -19.44 -31.94
C PHE A 280 -6.41 -18.91 -32.97
N GLN A 281 -7.50 -18.30 -32.52
CA GLN A 281 -8.46 -17.70 -33.45
C GLN A 281 -7.85 -16.52 -34.18
N ASP A 282 -7.14 -15.65 -33.46
CA ASP A 282 -6.51 -14.49 -34.08
C ASP A 282 -5.48 -14.90 -35.12
N VAL A 283 -4.72 -15.95 -34.84
CA VAL A 283 -3.70 -16.41 -35.78
C VAL A 283 -4.36 -16.97 -37.04
N SER A 284 -5.37 -17.81 -36.88
CA SER A 284 -6.01 -18.42 -38.03
C SER A 284 -6.76 -17.39 -38.86
N ASP A 285 -7.25 -16.32 -38.22
CA ASP A 285 -7.84 -15.23 -38.98
C ASP A 285 -6.78 -14.42 -39.71
N ARG A 286 -5.62 -14.22 -39.08
CA ARG A 286 -4.52 -13.50 -39.71
C ARG A 286 -3.99 -14.25 -40.92
N ILE A 287 -4.00 -15.57 -40.88
CA ILE A 287 -3.42 -16.38 -41.97
C ILE A 287 -4.46 -16.91 -42.94
N GLU A 288 -5.74 -16.64 -42.72
CA GLU A 288 -6.77 -17.21 -43.59
C GLU A 288 -6.64 -16.70 -45.00
N LYS A 289 -6.57 -15.37 -45.18
CA LYS A 289 -6.32 -14.79 -46.49
C LYS A 289 -4.86 -14.42 -46.64
N GLU A 290 -3.97 -15.41 -46.61
CA GLU A 290 -2.53 -15.19 -46.68
C GLU A 290 -1.93 -16.16 -47.70
N SER A 291 -0.92 -15.69 -48.42
CA SER A 291 -0.29 -16.51 -49.45
C SER A 291 0.47 -17.66 -48.80
N LEU A 292 0.33 -18.86 -49.37
CA LEU A 292 1.01 -20.04 -48.85
C LEU A 292 2.52 -19.95 -49.01
N ASP A 293 3.00 -19.18 -49.98
CA ASP A 293 4.43 -18.95 -50.17
C ASP A 293 4.94 -17.73 -49.42
N GLY A 294 4.04 -17.00 -48.75
CA GLY A 294 4.42 -15.83 -48.00
C GLY A 294 5.19 -16.17 -46.74
N PRO A 295 5.96 -15.20 -46.23
CA PRO A 295 6.77 -15.46 -45.02
C PRO A 295 5.96 -15.91 -43.82
N ILE A 296 4.74 -15.42 -43.66
CA ILE A 296 3.92 -15.77 -42.51
C ILE A 296 3.63 -17.27 -42.51
N VAL A 297 3.02 -17.77 -43.58
CA VAL A 297 2.66 -19.17 -43.65
C VAL A 297 3.91 -20.05 -43.75
N LYS A 298 4.96 -19.57 -44.44
CA LYS A 298 6.18 -20.37 -44.56
C LYS A 298 6.79 -20.65 -43.19
N GLN A 299 6.99 -19.60 -42.38
CA GLN A 299 7.54 -19.81 -41.05
C GLN A 299 6.62 -20.64 -40.17
N LEU A 300 5.30 -20.48 -40.35
CA LEU A 300 4.33 -21.25 -39.58
C LEU A 300 4.37 -22.73 -39.94
N GLU A 301 4.91 -23.09 -41.10
CA GLU A 301 4.94 -24.48 -41.54
C GLU A 301 6.31 -25.14 -41.42
N ARG A 302 7.34 -24.42 -40.97
CA ARG A 302 8.62 -25.07 -40.72
C ARG A 302 8.50 -25.97 -39.51
N GLY A 303 8.91 -27.24 -39.67
CA GLY A 303 8.68 -28.20 -38.61
C GLY A 303 7.22 -28.51 -38.35
N GLY A 304 6.33 -28.08 -39.24
CA GLY A 304 4.90 -28.29 -39.03
C GLY A 304 4.52 -29.75 -38.94
N ARG A 305 5.22 -30.62 -39.67
CA ARG A 305 4.87 -32.05 -39.66
C ARG A 305 5.04 -32.64 -38.27
N ALA A 306 6.01 -32.16 -37.50
CA ALA A 306 6.18 -32.63 -36.13
C ALA A 306 5.06 -32.12 -35.23
N VAL A 307 4.59 -30.90 -35.48
CA VAL A 307 3.56 -30.31 -34.62
C VAL A 307 2.22 -31.03 -34.79
N VAL A 308 1.80 -31.25 -36.04
CA VAL A 308 0.49 -31.83 -36.31
C VAL A 308 0.56 -33.34 -36.27
N LYS A 309 1.70 -33.89 -35.87
CA LYS A 309 1.91 -35.34 -35.80
C LYS A 309 1.68 -35.99 -37.17
N MET A 310 2.30 -35.41 -38.20
CA MET A 310 2.24 -35.86 -39.59
C MET A 310 0.87 -35.56 -40.20
N ASP A 311 -0.17 -36.19 -39.67
CA ASP A 311 -1.53 -35.98 -40.15
C ASP A 311 -2.41 -35.69 -38.94
N TRP A 312 -2.88 -34.45 -38.82
CA TRP A 312 -3.68 -34.08 -37.66
C TRP A 312 -5.10 -34.62 -37.76
N ARG A 313 -5.57 -34.92 -38.96
CA ARG A 313 -6.94 -35.39 -39.14
C ARG A 313 -7.18 -36.72 -38.45
N GLU A 314 -6.13 -37.54 -38.32
CA GLU A 314 -6.26 -38.84 -37.66
C GLU A 314 -6.04 -38.76 -36.15
N ASN A 315 -5.52 -37.64 -35.63
CA ASN A 315 -5.25 -37.53 -34.21
C ASN A 315 -6.43 -37.02 -33.41
N ILE A 316 -7.34 -36.28 -34.02
CA ILE A 316 -8.58 -35.93 -33.33
C ILE A 316 -9.42 -37.19 -33.15
N THR A 317 -10.38 -37.09 -32.23
CA THR A 317 -11.23 -38.23 -31.92
C THR A 317 -12.22 -38.49 -33.05
N VAL A 318 -12.70 -39.74 -33.11
CA VAL A 318 -13.63 -40.13 -34.17
C VAL A 318 -14.87 -39.25 -34.23
N PRO A 319 -15.55 -38.93 -33.11
CA PRO A 319 -16.72 -38.03 -33.23
C PRO A 319 -16.43 -36.69 -33.91
N LEU A 320 -15.28 -36.07 -33.62
CA LEU A 320 -14.91 -34.85 -34.33
C LEU A 320 -14.47 -35.17 -35.75
N GLN A 321 -13.84 -36.33 -35.95
CA GLN A 321 -13.50 -36.78 -37.30
C GLN A 321 -14.76 -36.91 -38.16
N THR A 322 -15.83 -37.46 -37.60
CA THR A 322 -17.07 -37.62 -38.35
C THR A 322 -17.58 -36.29 -38.89
N ASP A 323 -17.60 -35.26 -38.05
CA ASP A 323 -18.06 -33.95 -38.50
C ASP A 323 -17.01 -33.25 -39.37
N LEU A 324 -15.74 -33.60 -39.19
CA LEU A 324 -14.69 -33.06 -40.04
C LEU A 324 -14.69 -33.71 -41.41
N ARG A 325 -15.18 -34.95 -41.50
CA ARG A 325 -15.37 -35.61 -42.78
C ARG A 325 -16.44 -34.95 -43.62
N LYS A 326 -17.28 -34.10 -43.01
CA LYS A 326 -18.25 -33.33 -43.78
C LYS A 326 -17.57 -32.30 -44.67
N PHE A 327 -16.36 -31.85 -44.29
CA PHE A 327 -15.49 -31.06 -45.16
C PHE A 327 -14.15 -31.81 -45.25
N ARG A 328 -14.10 -32.76 -46.19
CA ARG A 328 -12.94 -33.63 -46.31
C ARG A 328 -11.71 -32.92 -46.88
N THR A 329 -11.87 -31.68 -47.35
CA THR A 329 -10.81 -31.01 -48.11
C THR A 329 -9.58 -30.69 -47.27
N TYR A 330 -9.68 -30.70 -45.94
CA TYR A 330 -8.55 -30.34 -45.09
C TYR A 330 -7.35 -31.23 -45.35
N LYS A 331 -6.16 -30.62 -45.33
CA LYS A 331 -4.91 -31.35 -45.48
C LYS A 331 -4.27 -31.53 -44.11
N GLY A 332 -3.69 -32.72 -43.87
CA GLY A 332 -3.23 -33.07 -42.54
C GLY A 332 -1.82 -32.66 -42.22
N GLY A 333 -1.02 -32.32 -43.24
CA GLY A 333 0.32 -31.85 -42.99
C GLY A 333 0.44 -30.39 -42.63
N SER A 334 -0.63 -29.62 -42.82
CA SER A 334 -0.60 -28.18 -42.63
C SER A 334 -1.00 -27.83 -41.20
N VAL A 335 -0.14 -27.05 -40.53
CA VAL A 335 -0.53 -26.44 -39.26
C VAL A 335 -1.68 -25.48 -39.46
N ARG A 336 -1.65 -24.70 -40.55
CA ARG A 336 -2.69 -23.72 -40.83
C ARG A 336 -4.05 -24.39 -41.00
N ASP A 337 -4.08 -25.61 -41.55
CA ASP A 337 -5.34 -26.30 -41.69
C ASP A 337 -5.87 -26.78 -40.34
N LEU A 338 -4.97 -27.16 -39.43
CA LEU A 338 -5.39 -27.49 -38.07
C LEU A 338 -5.93 -26.26 -37.35
N LEU A 339 -5.32 -25.09 -37.60
CA LEU A 339 -5.79 -23.87 -36.96
C LEU A 339 -7.15 -23.45 -37.49
N ARG A 340 -7.31 -23.40 -38.82
CA ARG A 340 -8.58 -22.96 -39.38
C ARG A 340 -9.69 -23.99 -39.16
N ALA A 341 -9.34 -25.27 -39.06
CA ALA A 341 -10.34 -26.27 -38.67
C ALA A 341 -10.77 -26.08 -37.23
N MET A 342 -9.80 -25.88 -36.32
CA MET A 342 -10.13 -25.63 -34.92
C MET A 342 -10.92 -24.34 -34.76
N ARG A 343 -10.62 -23.33 -35.58
CA ARG A 343 -11.34 -22.07 -35.49
C ARG A 343 -12.78 -22.21 -35.95
N ASN A 344 -13.01 -23.01 -37.00
CA ASN A 344 -14.37 -23.20 -37.52
C ASN A 344 -15.27 -23.85 -36.48
N LYS A 345 -14.78 -24.87 -35.78
CA LYS A 345 -15.61 -25.55 -34.80
C LYS A 345 -15.91 -24.66 -33.61
N LYS A 346 -15.07 -23.64 -33.36
CA LYS A 346 -15.35 -22.67 -32.32
C LYS A 346 -16.48 -21.72 -32.73
N HIS A 347 -16.40 -21.20 -33.95
CA HIS A 347 -17.40 -20.24 -34.42
C HIS A 347 -18.76 -20.92 -34.61
N HIS A 348 -18.76 -22.16 -35.08
CA HIS A 348 -19.99 -22.92 -35.31
C HIS A 348 -20.35 -23.79 -34.12
N TYR A 349 -19.78 -23.54 -32.95
CA TYR A 349 -19.95 -24.44 -31.81
C TYR A 349 -21.42 -24.67 -31.47
N ARG A 350 -22.21 -23.60 -31.39
CA ARG A 350 -23.60 -23.75 -30.99
C ARG A 350 -24.43 -24.54 -31.99
N GLU A 351 -24.01 -24.62 -33.25
CA GLU A 351 -24.71 -25.44 -34.23
C GLU A 351 -24.30 -26.90 -34.18
N LEU A 352 -23.19 -27.21 -33.52
CA LEU A 352 -22.64 -28.56 -33.57
C LEU A 352 -23.57 -29.56 -32.89
N PRO A 353 -23.60 -30.80 -33.38
CA PRO A 353 -24.37 -31.85 -32.69
C PRO A 353 -23.88 -32.04 -31.27
N ALA A 354 -24.81 -32.40 -30.38
CA ALA A 354 -24.43 -32.65 -28.98
C ALA A 354 -23.35 -33.71 -28.88
N GLU A 355 -23.41 -34.74 -29.73
CA GLU A 355 -22.39 -35.78 -29.74
C GLU A 355 -21.00 -35.24 -30.09
N VAL A 356 -20.94 -34.06 -30.72
CA VAL A 356 -19.65 -33.43 -31.01
C VAL A 356 -19.28 -32.45 -29.91
N ARG A 357 -20.26 -31.68 -29.43
CA ARG A 357 -20.00 -30.73 -28.36
C ARG A 357 -19.52 -31.42 -27.09
N GLU A 358 -19.88 -32.70 -26.90
CA GLU A 358 -19.47 -33.41 -25.70
C GLU A 358 -18.02 -33.85 -25.75
N THR A 359 -17.50 -34.19 -26.93
CA THR A 359 -16.08 -34.48 -27.07
C THR A 359 -15.21 -33.22 -26.99
N LEU A 360 -15.55 -32.20 -27.78
CA LEU A 360 -14.81 -30.95 -27.74
C LEU A 360 -14.86 -30.29 -26.36
N GLY A 361 -16.01 -30.36 -25.70
CA GLY A 361 -16.19 -29.70 -24.42
C GLY A 361 -16.62 -28.26 -24.58
N SER A 362 -16.87 -27.63 -23.44
CA SER A 362 -17.39 -26.27 -23.42
C SER A 362 -16.34 -25.27 -23.90
N LEU A 363 -16.80 -24.28 -24.66
CA LEU A 363 -15.98 -23.12 -24.95
C LEU A 363 -15.78 -22.30 -23.67
N PRO A 364 -14.58 -21.73 -23.46
CA PRO A 364 -13.34 -21.89 -24.21
C PRO A 364 -12.37 -22.92 -23.61
N ASP A 365 -12.50 -23.21 -22.31
CA ASP A 365 -11.47 -23.96 -21.60
C ASP A 365 -11.37 -25.39 -22.12
N ASP A 366 -12.48 -26.14 -22.08
CA ASP A 366 -12.45 -27.53 -22.53
C ASP A 366 -12.18 -27.63 -24.02
N PHE A 367 -12.63 -26.64 -24.80
CA PHE A 367 -12.44 -26.69 -26.24
C PHE A 367 -10.97 -26.60 -26.62
N VAL A 368 -10.22 -25.70 -25.98
CA VAL A 368 -8.82 -25.52 -26.35
C VAL A 368 -7.98 -26.65 -25.77
N CYS A 369 -8.32 -27.15 -24.58
CA CYS A 369 -7.61 -28.29 -24.01
C CYS A 369 -7.72 -29.51 -24.91
N TYR A 370 -8.82 -29.64 -25.64
CA TYR A 370 -8.98 -30.74 -26.60
C TYR A 370 -7.84 -30.75 -27.61
N PHE A 371 -7.46 -29.58 -28.14
CA PHE A 371 -6.48 -29.53 -29.20
C PHE A 371 -5.06 -29.42 -28.67
N THR A 372 -4.85 -28.67 -27.59
CA THR A 372 -3.52 -28.51 -27.04
C THR A 372 -2.99 -29.82 -26.48
N SER A 373 -3.86 -30.60 -25.83
CA SER A 373 -3.43 -31.86 -25.23
C SER A 373 -3.10 -32.92 -26.29
N ARG A 374 -3.66 -32.82 -27.49
CA ARG A 374 -3.33 -33.73 -28.57
C ARG A 374 -2.17 -33.23 -29.42
N PHE A 375 -1.98 -31.92 -29.47
CA PHE A 375 -0.87 -31.30 -30.20
C PHE A 375 -0.12 -30.39 -29.22
N PRO A 376 0.70 -30.98 -28.35
CA PRO A 376 1.29 -30.19 -27.25
C PRO A 376 2.26 -29.13 -27.72
N HIS A 377 2.77 -29.21 -28.95
CA HIS A 377 3.65 -28.20 -29.48
C HIS A 377 2.93 -27.19 -30.37
N LEU A 378 1.60 -27.23 -30.41
CA LEU A 378 0.87 -26.35 -31.30
C LEU A 378 0.95 -24.89 -30.85
N LEU A 379 0.69 -24.64 -29.56
CA LEU A 379 0.76 -23.27 -29.06
C LEU A 379 2.19 -22.75 -29.07
N ALA A 380 3.15 -23.58 -28.64
CA ALA A 380 4.53 -23.14 -28.55
C ALA A 380 5.13 -22.89 -29.92
N HIS A 381 4.74 -23.70 -30.90
CA HIS A 381 5.22 -23.48 -32.26
C HIS A 381 4.57 -22.26 -32.88
N THR A 382 3.24 -22.18 -32.82
CA THR A 382 2.53 -21.07 -33.43
C THR A 382 2.95 -19.73 -32.83
N TYR A 383 3.06 -19.68 -31.50
CA TYR A 383 3.46 -18.43 -30.84
C TYR A 383 4.79 -17.93 -31.38
N ARG A 384 5.81 -18.79 -31.42
CA ARG A 384 7.11 -18.38 -31.93
C ARG A 384 7.06 -18.17 -33.44
N ALA A 385 6.22 -18.91 -34.16
CA ALA A 385 6.14 -18.77 -35.60
C ALA A 385 5.43 -17.48 -36.00
N MET A 386 4.65 -16.92 -35.08
CA MET A 386 3.93 -15.68 -35.35
C MET A 386 4.60 -14.45 -34.73
N GLU A 387 5.88 -14.56 -34.36
CA GLU A 387 6.59 -13.39 -33.84
C GLU A 387 6.85 -12.36 -34.93
N LEU A 388 6.93 -12.80 -36.18
CA LEU A 388 7.24 -11.87 -37.27
C LEU A 388 6.10 -10.91 -37.57
N CYS A 389 4.93 -11.10 -36.96
CA CYS A 389 3.84 -10.13 -37.03
C CYS A 389 3.38 -9.72 -35.63
N SER A 390 4.28 -9.75 -34.65
CA SER A 390 3.95 -9.31 -33.30
C SER A 390 3.74 -7.80 -33.23
N HIS A 391 4.28 -7.06 -34.18
CA HIS A 391 4.11 -5.60 -34.20
C HIS A 391 2.70 -5.18 -34.59
N GLU A 392 1.91 -6.10 -35.13
CA GLU A 392 0.55 -5.76 -35.56
C GLU A 392 -0.33 -5.49 -34.35
N ARG A 393 -1.33 -4.62 -34.54
CA ARG A 393 -2.25 -4.28 -33.48
C ARG A 393 -3.03 -5.49 -32.99
N LEU A 394 -3.34 -6.42 -33.90
CA LEU A 394 -4.09 -7.62 -33.52
C LEU A 394 -3.35 -8.44 -32.47
N PHE A 395 -2.03 -8.41 -32.46
CA PHE A 395 -1.21 -9.28 -31.63
C PHE A 395 -0.57 -8.57 -30.45
N GLN A 396 -0.99 -7.34 -30.15
CA GLN A 396 -0.48 -6.62 -28.99
C GLN A 396 -0.70 -7.37 -27.67
N PRO A 397 -1.87 -7.96 -27.41
CA PRO A 397 -2.06 -8.65 -26.12
C PRO A 397 -1.15 -9.85 -25.92
N TYR A 398 -0.63 -10.45 -26.98
CA TYR A 398 0.09 -11.71 -26.85
C TYR A 398 1.60 -11.55 -26.79
N TYR A 399 2.15 -10.51 -27.42
CA TYR A 399 3.58 -10.26 -27.42
C TYR A 399 3.86 -8.94 -26.73
N PHE A 400 5.08 -8.81 -26.22
CA PHE A 400 5.54 -7.56 -25.63
C PHE A 400 6.51 -6.88 -26.58
N HIS A 401 6.28 -5.59 -26.83
CA HIS A 401 7.21 -4.77 -27.57
C HIS A 401 7.10 -3.35 -27.05
N GLU A 402 8.23 -2.65 -27.05
CA GLU A 402 8.30 -1.34 -26.42
C GLU A 402 8.77 -0.27 -27.39
N PRO B 1 23.63 -29.95 4.15
CA PRO B 1 24.73 -30.51 4.94
C PRO B 1 24.24 -31.56 5.94
N VAL B 2 25.18 -32.37 6.45
CA VAL B 2 24.81 -33.41 7.40
C VAL B 2 24.41 -32.80 8.74
N LEU B 3 25.12 -31.77 9.18
CA LEU B 3 24.79 -31.08 10.43
C LEU B 3 23.67 -30.09 10.17
N ARG B 4 22.49 -30.39 10.67
CA ARG B 4 21.31 -29.57 10.42
C ARG B 4 20.32 -29.77 11.55
N SER B 5 19.34 -28.87 11.63
CA SER B 5 18.24 -29.05 12.55
C SER B 5 17.10 -29.78 11.86
N VAL B 6 16.51 -30.72 12.57
CA VAL B 6 15.32 -31.39 12.06
C VAL B 6 14.11 -30.50 12.33
N ASN B 7 13.20 -30.41 11.36
CA ASN B 7 12.00 -29.60 11.51
C ASN B 7 10.94 -30.39 12.29
N SER B 8 11.24 -30.62 13.57
CA SER B 8 10.38 -31.43 14.40
C SER B 8 9.13 -30.66 14.85
N ARG B 9 9.29 -29.36 15.11
CA ARG B 9 8.22 -28.51 15.63
C ARG B 9 7.68 -28.99 16.97
N GLU B 10 8.51 -29.69 17.75
CA GLU B 10 8.15 -30.10 19.10
C GLU B 10 8.87 -29.19 20.08
N PRO B 11 8.18 -28.24 20.72
CA PRO B 11 8.87 -27.25 21.55
C PRO B 11 9.60 -27.88 22.74
N SER B 12 10.82 -27.41 22.98
CA SER B 12 11.64 -27.81 24.10
C SER B 12 12.23 -26.57 24.76
N GLN B 13 12.16 -26.50 26.09
CA GLN B 13 12.70 -25.38 26.84
C GLN B 13 14.13 -25.70 27.25
N VAL B 14 15.02 -24.73 27.09
CA VAL B 14 16.45 -24.92 27.32
C VAL B 14 17.00 -23.74 28.09
N ILE B 15 17.83 -24.03 29.09
CA ILE B 15 18.52 -23.00 29.87
C ILE B 15 19.90 -22.82 29.25
N PHE B 16 20.09 -21.74 28.51
CA PHE B 16 21.42 -21.38 28.02
C PHE B 16 22.21 -20.79 29.18
N CYS B 17 22.94 -21.63 29.89
CA CYS B 17 23.67 -21.21 31.10
C CYS B 17 25.12 -20.95 30.73
N ASN B 18 25.50 -19.68 30.67
CA ASN B 18 26.84 -19.24 30.28
C ASN B 18 27.74 -19.33 31.50
N ARG B 19 28.46 -20.44 31.63
CA ARG B 19 29.38 -20.64 32.75
C ARG B 19 30.83 -20.34 32.36
N SER B 20 31.01 -19.49 31.35
CA SER B 20 32.34 -19.08 30.91
C SER B 20 32.46 -17.58 31.14
N PRO B 21 33.68 -17.08 31.35
CA PRO B 21 33.89 -15.64 31.41
C PRO B 21 33.98 -14.95 30.06
N ARG B 22 33.08 -15.27 29.13
CA ARG B 22 33.03 -14.67 27.81
C ARG B 22 31.59 -14.41 27.43
N VAL B 23 31.39 -13.47 26.52
CA VAL B 23 30.08 -13.29 25.93
C VAL B 23 29.86 -14.38 24.89
N VAL B 24 28.80 -15.18 25.08
CA VAL B 24 28.54 -16.34 24.25
C VAL B 24 27.60 -15.93 23.13
N LEU B 25 27.91 -16.38 21.91
CA LEU B 25 27.02 -16.22 20.78
C LEU B 25 26.36 -17.55 20.49
N PRO B 26 25.07 -17.73 20.80
CA PRO B 26 24.39 -18.97 20.42
C PRO B 26 24.18 -19.02 18.92
N VAL B 27 24.67 -20.09 18.30
CA VAL B 27 24.59 -20.26 16.85
C VAL B 27 23.70 -21.46 16.58
N TRP B 28 22.61 -21.23 15.85
CA TRP B 28 21.66 -22.28 15.52
C TRP B 28 21.79 -22.64 14.04
N LEU B 29 22.05 -23.91 13.76
CA LEU B 29 22.07 -24.39 12.40
C LEU B 29 20.65 -24.64 11.94
N ASN B 30 20.21 -23.94 10.90
CA ASN B 30 18.83 -24.06 10.47
C ASN B 30 18.61 -25.42 9.80
N PHE B 31 17.43 -25.61 9.22
CA PHE B 31 17.11 -26.90 8.62
C PHE B 31 17.94 -27.20 7.38
N ASP B 32 18.60 -26.21 6.82
CA ASP B 32 19.55 -26.41 5.73
C ASP B 32 20.99 -26.54 6.23
N GLY B 33 21.24 -26.39 7.52
CA GLY B 33 22.58 -26.47 8.06
C GLY B 33 23.31 -25.15 8.11
N GLU B 34 22.70 -24.07 7.64
CA GLU B 34 23.31 -22.75 7.69
C GLU B 34 23.27 -22.20 9.12
N PRO B 35 24.37 -21.68 9.63
CA PRO B 35 24.39 -21.17 11.01
C PRO B 35 23.76 -19.80 11.12
N GLN B 36 22.84 -19.65 12.08
CA GLN B 36 22.11 -18.41 12.33
C GLN B 36 22.47 -17.89 13.72
N PRO B 37 23.06 -16.70 13.83
CA PRO B 37 23.44 -16.16 15.15
C PRO B 37 22.21 -15.63 15.91
N TYR B 38 22.14 -15.98 17.18
CA TYR B 38 21.08 -15.54 18.08
C TYR B 38 21.61 -14.49 19.04
N PRO B 39 20.75 -13.87 19.84
CA PRO B 39 21.23 -12.85 20.79
C PRO B 39 22.27 -13.39 21.75
N THR B 40 23.28 -12.57 22.03
CA THR B 40 24.41 -12.99 22.84
C THR B 40 24.04 -13.12 24.32
N LEU B 41 24.82 -13.93 25.04
CA LEU B 41 24.60 -14.19 26.45
C LEU B 41 25.74 -13.59 27.25
N PRO B 42 25.47 -12.72 28.23
CA PRO B 42 26.55 -12.16 29.03
C PRO B 42 27.17 -13.22 29.93
N PRO B 43 28.45 -13.08 30.27
CA PRO B 43 29.11 -14.07 31.12
C PRO B 43 28.39 -14.24 32.46
N GLY B 44 28.30 -15.48 32.90
CA GLY B 44 27.64 -15.82 34.15
C GLY B 44 26.13 -15.98 34.06
N THR B 45 25.48 -15.35 33.09
CA THR B 45 24.02 -15.33 33.03
C THR B 45 23.47 -16.58 32.36
N GLY B 46 22.24 -16.91 32.70
CA GLY B 46 21.51 -17.97 32.03
C GLY B 46 20.15 -17.45 31.59
N ARG B 47 19.62 -18.06 30.53
CA ARG B 47 18.34 -17.65 29.96
C ARG B 47 17.46 -18.85 29.64
N ARG B 48 16.17 -18.71 29.91
CA ARG B 48 15.19 -19.68 29.45
C ARG B 48 14.93 -19.44 27.98
N ILE B 49 15.07 -20.50 27.18
CA ILE B 49 15.12 -20.40 25.73
C ILE B 49 14.09 -21.36 25.14
N HIS B 50 13.41 -20.91 24.09
CA HIS B 50 12.46 -21.74 23.36
C HIS B 50 13.17 -22.33 22.15
N SER B 51 13.24 -23.65 22.10
CA SER B 51 13.88 -24.35 20.99
C SER B 51 13.01 -25.56 20.67
N TYR B 52 13.53 -26.47 19.87
CA TYR B 52 12.78 -27.64 19.45
C TYR B 52 13.71 -28.84 19.45
N ARG B 53 13.12 -30.02 19.66
CA ARG B 53 13.89 -31.25 19.71
C ARG B 53 14.64 -31.47 18.39
N GLY B 54 15.89 -31.91 18.50
CA GLY B 54 16.66 -32.19 17.31
C GLY B 54 17.28 -30.99 16.64
N HIS B 55 17.10 -29.79 17.20
CA HIS B 55 17.77 -28.62 16.66
C HIS B 55 19.21 -28.57 17.14
N LEU B 56 20.08 -28.01 16.30
CA LEU B 56 21.51 -28.01 16.54
C LEU B 56 21.98 -26.63 16.98
N TRP B 57 22.64 -26.58 18.13
CA TRP B 57 23.22 -25.36 18.65
C TRP B 57 24.71 -25.56 18.88
N LEU B 58 25.50 -24.58 18.47
CA LEU B 58 26.90 -24.48 18.88
C LEU B 58 27.13 -23.06 19.35
N PHE B 59 28.09 -22.91 20.26
CA PHE B 59 28.27 -21.67 21.00
C PHE B 59 29.68 -21.14 20.80
N ARG B 60 29.78 -19.88 20.41
CA ARG B 60 31.06 -19.23 20.12
C ARG B 60 31.24 -18.04 21.04
N ASP B 61 32.48 -17.57 21.14
CA ASP B 61 32.71 -16.23 21.66
C ASP B 61 32.03 -15.23 20.73
N ALA B 62 31.35 -14.25 21.32
CA ALA B 62 30.65 -13.27 20.49
C ALA B 62 31.61 -12.31 19.81
N GLY B 63 32.81 -12.11 20.36
CA GLY B 63 33.77 -11.21 19.76
C GLY B 63 34.75 -11.89 18.82
N THR B 64 35.33 -13.00 19.27
CA THR B 64 36.37 -13.69 18.52
C THR B 64 35.88 -14.96 17.82
N HIS B 65 34.64 -15.38 18.06
CA HIS B 65 34.08 -16.61 17.52
C HIS B 65 34.89 -17.84 17.92
N ASP B 66 35.57 -17.78 19.06
CA ASP B 66 36.26 -18.96 19.59
C ASP B 66 35.26 -20.03 19.97
N GLY B 67 35.55 -21.27 19.59
CA GLY B 67 34.68 -22.37 19.94
C GLY B 67 34.58 -22.56 21.44
N LEU B 68 33.35 -22.78 21.91
CA LEU B 68 33.08 -23.03 23.32
C LEU B 68 32.37 -24.37 23.46
N LEU B 69 32.59 -25.02 24.61
CA LEU B 69 31.91 -26.27 24.91
C LEU B 69 30.52 -25.99 25.47
N VAL B 70 29.62 -26.93 25.23
CA VAL B 70 28.31 -26.94 25.88
C VAL B 70 28.05 -28.36 26.36
N ASN B 71 27.91 -28.54 27.68
CA ASN B 71 27.86 -29.87 28.29
C ASN B 71 29.03 -30.72 27.83
N GLN B 72 30.23 -30.11 27.85
CA GLN B 72 31.47 -30.77 27.46
C GLN B 72 31.43 -31.33 26.04
N THR B 73 30.68 -30.69 25.15
CA THR B 73 30.51 -31.17 23.78
C THR B 73 30.45 -29.97 22.84
N GLU B 74 30.97 -30.15 21.63
CA GLU B 74 30.90 -29.10 20.62
C GLU B 74 29.47 -28.69 20.30
N LEU B 75 28.54 -29.64 20.23
CA LEU B 75 27.18 -29.37 19.76
C LEU B 75 26.17 -29.71 20.85
N PHE B 76 25.08 -28.98 20.85
CA PHE B 76 23.99 -29.16 21.80
C PHE B 76 22.69 -29.45 21.06
N VAL B 77 21.97 -30.47 21.52
CA VAL B 77 20.71 -30.88 20.92
C VAL B 77 19.67 -30.91 22.04
N PRO B 78 18.59 -30.13 21.95
CA PRO B 78 17.57 -30.18 23.01
C PRO B 78 16.79 -31.48 22.98
N SER B 79 16.69 -32.12 24.14
CA SER B 79 15.84 -33.29 24.31
C SER B 79 14.44 -32.84 24.72
N LEU B 80 13.49 -33.76 24.65
CA LEU B 80 12.17 -33.51 25.19
C LEU B 80 12.25 -33.14 26.67
N ASN B 81 11.31 -32.31 27.11
CA ASN B 81 11.27 -31.84 28.50
C ASN B 81 10.77 -32.96 29.40
N VAL B 82 11.69 -33.87 29.74
CA VAL B 82 11.34 -34.99 30.60
C VAL B 82 10.99 -34.47 31.98
N ASP B 83 9.83 -34.88 32.49
CA ASP B 83 9.33 -34.46 33.80
C ASP B 83 9.07 -32.96 33.87
N GLY B 84 9.10 -32.28 32.72
CA GLY B 84 8.86 -30.86 32.66
C GLY B 84 10.04 -29.98 32.96
N GLN B 85 11.23 -30.55 33.16
CA GLN B 85 12.41 -29.76 33.45
C GLN B 85 12.98 -29.17 32.15
N PRO B 86 13.53 -27.96 32.21
CA PRO B 86 14.20 -27.40 31.04
C PRO B 86 15.63 -27.91 30.93
N ILE B 87 16.00 -28.37 29.73
CA ILE B 87 17.32 -28.93 29.51
C ILE B 87 18.37 -27.86 29.74
N PHE B 88 19.43 -28.22 30.45
CA PHE B 88 20.50 -27.27 30.78
C PHE B 88 21.62 -27.36 29.76
N ALA B 89 22.05 -26.21 29.26
CA ALA B 89 23.15 -26.09 28.31
C ALA B 89 24.26 -25.26 28.97
N ASN B 90 25.19 -25.95 29.62
CA ASN B 90 26.28 -25.29 30.33
C ASN B 90 27.37 -24.93 29.33
N ILE B 91 27.43 -23.67 28.93
CA ILE B 91 28.42 -23.18 27.99
C ILE B 91 29.67 -22.81 28.76
N THR B 92 30.78 -23.49 28.48
CA THR B 92 31.99 -23.36 29.27
C THR B 92 33.19 -23.23 28.36
N LEU B 93 34.25 -22.68 28.91
CA LEU B 93 35.51 -22.59 28.19
C LEU B 93 36.14 -23.98 28.07
N PRO B 94 36.58 -24.38 26.89
CA PRO B 94 37.39 -25.60 26.78
C PRO B 94 38.83 -25.30 27.14
N VAL B 95 39.54 -26.33 27.58
CA VAL B 95 40.97 -26.17 27.81
C VAL B 95 41.63 -26.01 26.46
N TYR B 96 42.03 -24.79 26.13
CA TYR B 96 42.67 -24.57 24.84
C TYR B 96 44.10 -25.09 24.87
N THR B 97 44.57 -25.54 23.71
CA THR B 97 46.00 -25.80 23.56
C THR B 97 46.77 -24.50 23.72
N LEU B 98 47.95 -24.59 24.34
CA LEU B 98 48.69 -23.38 24.69
C LEU B 98 48.95 -22.52 23.47
N LYS B 99 49.18 -23.16 22.32
CA LYS B 99 49.33 -22.42 21.07
C LYS B 99 48.08 -21.62 20.75
N GLU B 100 46.92 -22.28 20.75
CA GLU B 100 45.67 -21.60 20.41
C GLU B 100 45.34 -20.50 21.41
N ARG B 101 45.58 -20.76 22.70
CA ARG B 101 45.32 -19.73 23.71
C ARG B 101 46.20 -18.51 23.50
N CYS B 102 47.49 -18.71 23.20
CA CYS B 102 48.36 -17.59 22.89
C CYS B 102 47.95 -16.92 21.58
N LEU B 103 47.40 -17.69 20.64
CA LEU B 103 46.95 -17.12 19.38
C LEU B 103 45.77 -16.18 19.61
N GLN B 104 44.88 -16.53 20.54
CA GLN B 104 43.75 -15.66 20.85
C GLN B 104 44.22 -14.36 21.50
N VAL B 105 45.26 -14.44 22.33
CA VAL B 105 45.80 -13.25 22.98
C VAL B 105 46.43 -12.33 21.95
N VAL B 106 47.21 -12.89 21.03
CA VAL B 106 47.85 -12.08 20.00
C VAL B 106 46.80 -11.51 19.05
N ARG B 107 45.77 -12.29 18.73
CA ARG B 107 44.73 -11.80 17.82
C ARG B 107 44.01 -10.59 18.39
N SER B 108 43.82 -10.54 19.71
CA SER B 108 43.14 -9.39 20.30
C SER B 108 44.05 -8.18 20.40
N LEU B 109 45.32 -8.39 20.75
CA LEU B 109 46.25 -7.28 20.92
C LEU B 109 46.71 -6.71 19.59
N VAL B 110 46.80 -7.55 18.56
CA VAL B 110 47.36 -7.18 17.27
C VAL B 110 46.25 -7.26 16.24
N LYS B 111 46.06 -6.18 15.50
CA LYS B 111 45.09 -6.14 14.43
C LYS B 111 45.62 -6.87 13.20
N PRO B 112 44.73 -7.38 12.35
CA PRO B 112 45.18 -8.21 11.21
C PRO B 112 46.25 -7.57 10.34
N GLU B 113 46.21 -6.25 10.17
CA GLU B 113 47.18 -5.55 9.32
C GLU B 113 48.59 -5.55 9.89
N ASN B 114 48.80 -6.10 11.10
CA ASN B 114 50.10 -6.10 11.73
C ASN B 114 50.64 -7.48 12.07
N TYR B 115 49.92 -8.55 11.71
CA TYR B 115 50.39 -9.90 12.01
C TYR B 115 51.72 -10.19 11.34
N ARG B 116 51.86 -9.80 10.07
CA ARG B 116 53.05 -10.13 9.30
C ARG B 116 54.21 -9.19 9.58
N ARG B 117 54.09 -8.31 10.58
CA ARG B 117 55.20 -7.47 11.00
C ARG B 117 55.81 -7.91 12.32
N LEU B 118 55.20 -8.88 13.00
CA LEU B 118 55.72 -9.36 14.27
C LEU B 118 56.98 -10.20 14.05
N ASP B 119 57.93 -10.07 14.97
CA ASP B 119 59.20 -10.82 14.90
C ASP B 119 58.99 -12.26 15.40
N ILE B 120 58.23 -13.02 14.61
CA ILE B 120 57.92 -14.42 14.90
C ILE B 120 58.14 -15.24 13.64
N VAL B 121 58.09 -16.56 13.81
CA VAL B 121 58.21 -17.46 12.67
C VAL B 121 57.14 -17.14 11.64
N ARG B 122 57.52 -17.18 10.36
CA ARG B 122 56.61 -16.74 9.30
C ARG B 122 55.35 -17.60 9.22
N SER B 123 55.43 -18.86 9.64
CA SER B 123 54.25 -19.72 9.60
C SER B 123 53.22 -19.35 10.65
N LEU B 124 53.62 -18.56 11.65
CA LEU B 124 52.66 -18.06 12.63
C LEU B 124 51.74 -17.00 12.05
N TYR B 125 52.17 -16.31 10.98
CA TYR B 125 51.29 -15.37 10.31
C TYR B 125 50.08 -16.08 9.71
N GLU B 126 50.30 -17.24 9.09
CA GLU B 126 49.19 -18.02 8.54
C GLU B 126 48.29 -18.55 9.65
N ASP B 127 48.88 -18.90 10.81
CA ASP B 127 48.08 -19.39 11.92
C ASP B 127 47.30 -18.26 12.58
N LEU B 128 47.84 -17.03 12.52
CA LEU B 128 47.12 -15.89 13.09
C LEU B 128 45.95 -15.48 12.21
N GLU B 129 46.16 -15.46 10.89
CA GLU B 129 45.08 -15.18 9.97
C GLU B 129 44.05 -16.30 9.89
N ASP B 130 44.33 -17.46 10.51
CA ASP B 130 43.36 -18.55 10.59
C ASP B 130 42.39 -18.30 11.75
N HIS B 131 41.60 -17.25 11.59
CA HIS B 131 40.66 -16.85 12.63
C HIS B 131 39.64 -17.97 12.87
N PRO B 132 39.09 -18.06 14.08
CA PRO B 132 38.09 -19.09 14.36
C PRO B 132 36.86 -18.91 13.49
N ASN B 133 36.48 -19.97 12.79
CA ASN B 133 35.44 -19.87 11.78
C ASN B 133 34.38 -20.94 12.07
N VAL B 134 33.11 -20.52 12.12
CA VAL B 134 32.03 -21.47 12.36
C VAL B 134 31.84 -22.39 11.16
N GLN B 135 31.91 -21.84 9.94
CA GLN B 135 31.76 -22.66 8.74
C GLN B 135 32.90 -23.67 8.62
N LYS B 136 34.11 -23.27 9.03
CA LYS B 136 35.22 -24.21 9.02
C LYS B 136 34.99 -25.35 10.01
N ASP B 137 34.46 -25.03 11.19
CA ASP B 137 34.21 -26.06 12.20
C ASP B 137 33.02 -26.92 11.83
N LEU B 138 32.12 -26.43 10.97
CA LEU B 138 31.02 -27.26 10.52
C LEU B 138 31.50 -28.32 9.53
N GLU B 139 32.49 -27.98 8.71
CA GLU B 139 33.12 -28.98 7.86
C GLU B 139 33.84 -30.03 8.68
N ARG B 140 34.59 -29.60 9.70
CA ARG B 140 35.32 -30.52 10.55
C ARG B 140 34.38 -31.41 11.35
N LEU B 141 33.32 -30.82 11.91
CA LEU B 141 32.39 -31.61 12.71
C LEU B 141 31.59 -32.58 11.85
N THR B 142 31.33 -32.22 10.58
CA THR B 142 30.69 -33.17 9.67
C THR B 142 31.62 -34.35 9.38
N GLN B 143 32.90 -34.06 9.11
CA GLN B 143 33.86 -35.12 8.86
C GLN B 143 34.02 -36.02 10.08
N GLU B 144 34.11 -35.42 11.28
CA GLU B 144 34.21 -36.21 12.50
C GLU B 144 32.95 -37.03 12.75
N ARG B 145 31.78 -36.50 12.34
CA ARG B 145 30.53 -37.21 12.57
C ARG B 145 30.37 -38.40 11.63
N ILE B 146 30.61 -38.18 10.32
CA ILE B 146 30.39 -39.23 9.35
C ILE B 146 31.42 -40.35 9.47
N ALA B 147 32.49 -40.13 10.22
CA ALA B 147 33.49 -41.17 10.44
C ALA B 147 32.95 -42.23 11.39
N VAL C 1 8.46 24.06 13.33
CA VAL C 1 8.14 22.66 13.10
C VAL C 1 7.72 22.01 14.42
N VAL C 2 6.66 21.20 14.35
CA VAL C 2 6.11 20.51 15.50
C VAL C 2 6.42 19.03 15.36
N ILE C 3 6.94 18.41 16.42
CA ILE C 3 7.23 16.99 16.43
C ILE C 3 6.35 16.33 17.49
N VAL C 4 5.64 15.28 17.08
CA VAL C 4 4.77 14.53 17.99
C VAL C 4 5.24 13.09 18.00
N GLY C 5 6.48 12.86 17.58
CA GLY C 5 7.04 11.52 17.51
C GLY C 5 7.63 11.25 16.13
N LYS C 6 7.10 10.24 15.45
CA LYS C 6 7.48 10.03 14.07
C LYS C 6 6.88 11.10 13.16
N ILE C 7 5.72 11.65 13.54
CA ILE C 7 5.04 12.67 12.76
C ILE C 7 5.62 14.03 13.09
N SER C 8 5.80 14.87 12.07
CA SER C 8 6.24 16.23 12.24
C SER C 8 5.65 17.07 11.12
N PHE C 9 5.47 18.36 11.37
CA PHE C 9 4.92 19.24 10.35
C PHE C 9 5.23 20.69 10.70
N CYS C 10 5.13 21.55 9.68
CA CYS C 10 5.18 22.99 9.89
C CYS C 10 3.76 23.52 10.09
N PRO C 11 3.47 24.20 11.20
CA PRO C 11 2.11 24.70 11.43
C PRO C 11 1.62 25.67 10.36
N LYS C 12 2.51 26.29 9.60
CA LYS C 12 2.10 27.24 8.58
C LYS C 12 1.66 26.56 7.29
N ASP C 13 1.97 25.27 7.13
CA ASP C 13 1.72 24.56 5.88
C ASP C 13 0.38 23.83 5.93
N VAL C 14 -0.69 24.62 5.86
CA VAL C 14 -2.04 24.06 5.86
C VAL C 14 -2.40 23.62 4.45
N LEU C 15 -2.85 22.37 4.33
CA LEU C 15 -3.37 21.86 3.06
C LEU C 15 -4.85 22.13 2.90
N GLY C 16 -5.60 22.15 3.98
CA GLY C 16 -7.03 22.33 3.95
C GLY C 16 -7.62 21.89 5.27
N HIS C 17 -8.91 21.58 5.23
CA HIS C 17 -9.67 21.29 6.44
C HIS C 17 -10.48 20.02 6.26
N GLY C 18 -10.88 19.45 7.39
CA GLY C 18 -11.87 18.41 7.46
C GLY C 18 -13.07 18.88 8.26
N ALA C 19 -13.67 17.99 9.03
CA ALA C 19 -14.87 18.31 9.78
C ALA C 19 -14.56 18.54 11.26
N GLU C 20 -15.21 19.54 11.83
CA GLU C 20 -15.15 19.85 13.25
C GLU C 20 -13.74 20.24 13.70
N GLY C 21 -13.17 21.22 13.00
CA GLY C 21 -11.94 21.83 13.45
C GLY C 21 -10.66 21.14 13.04
N THR C 22 -10.74 20.04 12.29
CA THR C 22 -9.56 19.27 11.92
C THR C 22 -8.87 19.97 10.76
N ILE C 23 -7.68 20.49 11.01
CA ILE C 23 -6.84 21.04 9.96
C ILE C 23 -5.89 19.96 9.45
N VAL C 24 -5.65 19.95 8.15
CA VAL C 24 -4.71 19.04 7.52
C VAL C 24 -3.49 19.85 7.13
N TYR C 25 -2.30 19.35 7.48
CA TYR C 25 -1.04 20.02 7.21
C TYR C 25 -0.20 19.16 6.27
N ARG C 26 0.77 19.80 5.65
CA ARG C 26 1.80 19.06 4.94
C ARG C 26 2.90 18.68 5.93
N GLY C 27 2.93 17.41 6.31
CA GLY C 27 3.89 16.95 7.28
C GLY C 27 4.98 16.05 6.75
N MET C 28 5.57 15.28 7.64
CA MET C 28 6.65 14.35 7.33
C MET C 28 6.59 13.22 8.35
N PHE C 29 6.59 11.98 7.87
CA PHE C 29 6.58 10.82 8.74
C PHE C 29 7.53 9.79 8.18
N ASP C 30 8.53 9.40 8.98
CA ASP C 30 9.51 8.42 8.58
C ASP C 30 10.14 8.78 7.24
N ASN C 31 10.47 10.06 7.09
CA ASN C 31 11.10 10.65 5.90
C ASN C 31 10.19 10.64 4.68
N ARG C 32 8.92 10.26 4.84
CA ARG C 32 7.94 10.38 3.78
C ARG C 32 7.19 11.70 3.89
N ASP C 33 6.88 12.31 2.75
CA ASP C 33 5.91 13.40 2.74
C ASP C 33 4.52 12.84 2.99
N VAL C 34 3.84 13.40 4.00
CA VAL C 34 2.50 12.95 4.35
C VAL C 34 1.60 14.16 4.56
N ALA C 35 0.30 13.88 4.63
CA ALA C 35 -0.68 14.83 5.12
C ALA C 35 -0.99 14.50 6.57
N VAL C 36 -1.01 15.51 7.42
CA VAL C 36 -1.21 15.32 8.85
C VAL C 36 -2.54 15.97 9.23
N LYS C 37 -3.50 15.15 9.64
CA LYS C 37 -4.76 15.66 10.16
C LYS C 37 -4.62 15.86 11.66
N ARG C 38 -4.86 17.09 12.12
CA ARG C 38 -4.86 17.41 13.54
C ARG C 38 -6.28 17.35 14.05
N ILE C 39 -6.50 16.57 15.12
CA ILE C 39 -7.83 16.29 15.63
C ILE C 39 -7.98 16.92 17.01
N LEU C 40 -9.05 17.69 17.19
CA LEU C 40 -9.35 18.28 18.48
C LEU C 40 -9.89 17.22 19.43
N PRO C 41 -9.66 17.41 20.75
CA PRO C 41 -10.11 16.39 21.73
C PRO C 41 -11.56 15.96 21.56
N GLU C 42 -12.46 16.85 21.16
CA GLU C 42 -13.86 16.49 21.02
C GLU C 42 -14.10 15.49 19.89
N CYS C 43 -13.10 15.28 19.03
CA CYS C 43 -13.21 14.38 17.89
C CYS C 43 -12.30 13.17 18.01
N PHE C 44 -11.73 12.92 19.19
CA PHE C 44 -10.87 11.76 19.37
C PHE C 44 -11.62 10.45 19.16
N SER C 45 -12.91 10.41 19.52
CA SER C 45 -13.71 9.23 19.27
C SER C 45 -13.90 8.98 17.78
N PHE C 46 -14.12 10.04 17.00
CA PHE C 46 -14.30 9.88 15.57
C PHE C 46 -12.99 9.57 14.87
N ALA C 47 -11.90 10.23 15.29
CA ALA C 47 -10.60 9.95 14.69
C ALA C 47 -10.14 8.53 14.96
N ASP C 48 -10.68 7.89 16.00
CA ASP C 48 -10.35 6.50 16.26
C ASP C 48 -11.07 5.57 15.28
N ARG C 49 -12.34 5.85 15.00
CA ARG C 49 -13.08 5.05 14.03
C ARG C 49 -12.52 5.25 12.62
N GLU C 50 -12.00 6.44 12.33
CA GLU C 50 -11.37 6.68 11.03
C GLU C 50 -10.09 5.87 10.89
N VAL C 51 -9.21 5.96 11.89
CA VAL C 51 -7.96 5.20 11.86
C VAL C 51 -8.22 3.70 11.78
N GLN C 52 -9.22 3.21 12.52
CA GLN C 52 -9.55 1.79 12.47
C GLN C 52 -10.00 1.36 11.09
N LEU C 53 -10.83 2.17 10.43
CA LEU C 53 -11.24 1.88 9.07
C LEU C 53 -10.07 2.00 8.10
N LEU C 54 -9.18 2.97 8.33
CA LEU C 54 -8.04 3.17 7.44
C LEU C 54 -7.08 1.99 7.51
N ARG C 55 -6.70 1.56 8.72
CA ARG C 55 -5.70 0.51 8.84
C ARG C 55 -6.30 -0.87 8.57
N GLU C 56 -7.53 -1.13 9.01
CA GLU C 56 -8.08 -2.47 8.89
C GLU C 56 -8.69 -2.74 7.51
N SER C 57 -8.84 -1.72 6.67
CA SER C 57 -9.20 -1.97 5.29
C SER C 57 -8.03 -2.62 4.57
N ASP C 58 -8.35 -3.57 3.69
CA ASP C 58 -7.33 -4.07 2.79
C ASP C 58 -6.78 -2.92 1.96
N GLU C 59 -5.48 -2.96 1.68
CA GLU C 59 -4.86 -1.89 0.92
C GLU C 59 -5.38 -1.92 -0.52
N HIS C 60 -5.74 -0.74 -1.03
CA HIS C 60 -6.24 -0.62 -2.37
C HIS C 60 -5.55 0.57 -3.00
N PRO C 61 -5.16 0.48 -4.27
CA PRO C 61 -4.51 1.63 -4.91
C PRO C 61 -5.35 2.90 -4.90
N ASN C 62 -6.67 2.77 -4.88
CA ASN C 62 -7.58 3.91 -4.98
C ASN C 62 -8.24 4.23 -3.65
N VAL C 63 -7.64 3.80 -2.55
CA VAL C 63 -8.02 4.23 -1.21
C VAL C 63 -6.82 4.93 -0.61
N ILE C 64 -7.07 6.05 0.09
CA ILE C 64 -6.00 6.80 0.70
C ILE C 64 -5.18 5.89 1.60
N ARG C 65 -3.86 6.08 1.59
CA ARG C 65 -2.98 5.23 2.37
C ARG C 65 -2.72 5.85 3.73
N TYR C 66 -2.83 5.03 4.77
CA TYR C 66 -2.68 5.47 6.14
C TYR C 66 -1.33 5.00 6.69
N PHE C 67 -0.63 5.89 7.40
CA PHE C 67 0.71 5.56 7.87
C PHE C 67 0.78 5.36 9.37
N CYS C 68 0.41 6.39 10.12
CA CYS C 68 0.57 6.34 11.57
C CYS C 68 -0.43 7.29 12.20
N THR C 69 -0.57 7.16 13.52
CA THR C 69 -1.31 8.12 14.31
C THR C 69 -0.56 8.37 15.61
N GLU C 70 -0.42 9.63 15.98
CA GLU C 70 0.22 10.05 17.21
C GLU C 70 -0.78 10.78 18.09
N LYS C 71 -0.52 10.78 19.40
CA LYS C 71 -1.29 11.55 20.35
C LYS C 71 -0.37 12.54 21.05
N ASP C 72 -0.70 13.82 20.96
CA ASP C 72 -0.08 14.86 21.76
C ASP C 72 -0.88 15.00 23.06
N ARG C 73 -0.52 16.01 23.85
CA ARG C 73 -1.32 16.31 25.05
C ARG C 73 -2.65 16.94 24.67
N GLN C 74 -2.68 17.72 23.59
CA GLN C 74 -3.90 18.38 23.16
C GLN C 74 -4.61 17.66 22.01
N PHE C 75 -3.87 17.22 20.99
CA PHE C 75 -4.48 16.80 19.74
C PHE C 75 -4.07 15.38 19.39
N GLN C 76 -4.85 14.77 18.51
CA GLN C 76 -4.45 13.58 17.78
C GLN C 76 -3.89 14.00 16.43
N TYR C 77 -3.01 13.16 15.89
CA TYR C 77 -2.44 13.39 14.57
C TYR C 77 -2.57 12.10 13.78
N ILE C 78 -2.98 12.23 12.52
CA ILE C 78 -3.07 11.09 11.61
C ILE C 78 -2.23 11.41 10.39
N ALA C 79 -1.25 10.55 10.11
CA ALA C 79 -0.46 10.68 8.89
C ALA C 79 -1.10 9.82 7.80
N ILE C 80 -1.37 10.45 6.65
CA ILE C 80 -1.96 9.76 5.51
C ILE C 80 -1.21 10.21 4.27
N GLU C 81 -1.50 9.53 3.17
CA GLU C 81 -0.85 9.80 1.91
C GLU C 81 -1.05 11.25 1.49
N LEU C 82 0.02 11.92 1.12
CA LEU C 82 -0.06 13.28 0.63
C LEU C 82 -0.43 13.26 -0.85
N CYS C 83 -1.52 13.92 -1.19
CA CYS C 83 -2.01 13.99 -2.55
C CYS C 83 -1.76 15.39 -3.13
N ALA C 84 -2.06 15.53 -4.41
CA ALA C 84 -1.81 16.79 -5.09
C ALA C 84 -3.03 17.69 -5.13
N ALA C 85 -4.23 17.13 -5.27
CA ALA C 85 -5.43 17.92 -5.42
C ALA C 85 -6.63 17.10 -4.99
N THR C 86 -7.79 17.75 -4.98
CA THR C 86 -9.06 17.06 -4.88
C THR C 86 -9.69 16.94 -6.26
N LEU C 87 -10.72 16.09 -6.35
CA LEU C 87 -11.48 15.99 -7.58
C LEU C 87 -12.23 17.29 -7.88
N GLN C 88 -12.58 18.05 -6.84
CA GLN C 88 -13.21 19.34 -7.05
C GLN C 88 -12.24 20.32 -7.72
N GLU C 89 -10.99 20.35 -7.25
CA GLU C 89 -9.98 21.19 -7.89
C GLU C 89 -9.69 20.71 -9.31
N TYR C 90 -9.73 19.40 -9.54
CA TYR C 90 -9.53 18.87 -10.88
C TYR C 90 -10.61 19.37 -11.83
N VAL C 91 -11.88 19.21 -11.44
CA VAL C 91 -12.99 19.63 -12.29
C VAL C 91 -13.00 21.15 -12.47
N GLU C 92 -12.92 21.90 -11.36
CA GLU C 92 -13.11 23.34 -11.40
C GLU C 92 -11.85 24.13 -11.75
N GLN C 93 -10.67 23.57 -11.54
CA GLN C 93 -9.42 24.16 -12.00
C GLN C 93 -8.78 23.20 -12.99
N LYS C 94 -9.19 23.32 -14.26
CA LYS C 94 -8.61 22.49 -15.31
C LYS C 94 -7.13 22.77 -15.48
N ASP C 95 -6.67 23.96 -15.11
CA ASP C 95 -5.26 24.32 -15.20
C ASP C 95 -4.38 23.52 -14.25
N PHE C 96 -4.95 22.69 -13.38
CA PHE C 96 -4.16 21.77 -12.57
C PHE C 96 -3.35 20.85 -13.47
N ALA C 97 -2.14 20.52 -13.01
CA ALA C 97 -1.22 19.69 -13.79
C ALA C 97 -1.69 18.24 -13.70
N HIS C 98 -2.60 17.87 -14.60
CA HIS C 98 -3.16 16.53 -14.65
C HIS C 98 -2.45 15.75 -15.76
N LEU C 99 -1.42 15.02 -15.37
CA LEU C 99 -0.61 14.29 -16.34
C LEU C 99 -1.34 13.02 -16.76
N GLY C 100 -2.01 13.07 -17.92
CA GLY C 100 -2.53 11.89 -18.55
C GLY C 100 -3.76 11.26 -17.94
N LEU C 101 -4.14 11.69 -16.73
CA LEU C 101 -5.36 11.16 -16.12
C LEU C 101 -6.58 11.66 -16.88
N GLU C 102 -7.49 10.73 -17.18
CA GLU C 102 -8.66 11.01 -18.01
C GLU C 102 -9.89 10.95 -17.13
N PRO C 103 -10.92 11.75 -17.41
CA PRO C 103 -12.10 11.74 -16.54
C PRO C 103 -12.75 10.39 -16.33
N ILE C 104 -12.80 9.54 -17.35
CA ILE C 104 -13.44 8.23 -17.18
C ILE C 104 -12.53 7.27 -16.45
N THR C 105 -11.22 7.39 -16.63
CA THR C 105 -10.29 6.60 -15.84
C THR C 105 -10.31 7.06 -14.38
N LEU C 106 -10.36 8.37 -14.16
CA LEU C 106 -10.61 8.92 -12.83
C LEU C 106 -11.84 8.30 -12.18
N LEU C 107 -12.97 8.31 -12.89
CA LEU C 107 -14.21 7.74 -12.36
C LEU C 107 -14.10 6.24 -12.14
N GLN C 108 -13.40 5.54 -13.03
CA GLN C 108 -13.21 4.10 -12.87
C GLN C 108 -12.40 3.80 -11.63
N GLN C 109 -11.36 4.59 -11.37
CA GLN C 109 -10.57 4.41 -10.15
C GLN C 109 -11.38 4.72 -8.91
N THR C 110 -12.22 5.76 -8.95
CA THR C 110 -13.08 6.08 -7.83
C THR C 110 -14.05 4.95 -7.53
N THR C 111 -14.66 4.37 -8.58
CA THR C 111 -15.58 3.27 -8.39
C THR C 111 -14.86 2.00 -7.96
N SER C 112 -13.60 1.82 -8.37
CA SER C 112 -12.81 0.67 -7.92
C SER C 112 -12.54 0.74 -6.42
N GLY C 113 -12.11 1.91 -5.94
CA GLY C 113 -11.96 2.10 -4.51
C GLY C 113 -13.26 1.97 -3.76
N LEU C 114 -14.35 2.45 -4.35
CA LEU C 114 -15.66 2.36 -3.71
C LEU C 114 -16.16 0.93 -3.65
N ALA C 115 -15.99 0.17 -4.74
CA ALA C 115 -16.37 -1.23 -4.73
C ALA C 115 -15.52 -2.04 -3.77
N HIS C 116 -14.28 -1.60 -3.53
CA HIS C 116 -13.44 -2.24 -2.53
C HIS C 116 -13.98 -2.00 -1.13
N LEU C 117 -14.39 -0.77 -0.83
CA LEU C 117 -14.99 -0.47 0.46
C LEU C 117 -16.28 -1.27 0.65
N HIS C 118 -17.13 -1.27 -0.37
CA HIS C 118 -18.39 -2.00 -0.29
C HIS C 118 -18.19 -3.50 -0.09
N SER C 119 -17.09 -4.05 -0.62
CA SER C 119 -16.81 -5.47 -0.43
C SER C 119 -16.34 -5.75 0.99
N LEU C 120 -15.83 -4.73 1.68
CA LEU C 120 -15.50 -4.82 3.09
C LEU C 120 -16.67 -4.44 3.99
N ASN C 121 -17.86 -4.28 3.42
CA ASN C 121 -19.06 -3.87 4.14
C ASN C 121 -18.90 -2.47 4.73
N ILE C 122 -18.14 -1.61 4.05
CA ILE C 122 -17.92 -0.24 4.47
C ILE C 122 -18.72 0.68 3.57
N VAL C 123 -19.60 1.49 4.17
CA VAL C 123 -20.34 2.52 3.45
C VAL C 123 -19.62 3.84 3.67
N HIS C 124 -19.26 4.51 2.56
CA HIS C 124 -18.58 5.80 2.66
C HIS C 124 -19.46 6.85 3.34
N ARG C 125 -20.71 6.92 2.92
CA ARG C 125 -21.76 7.75 3.51
C ARG C 125 -21.53 9.25 3.30
N ASP C 126 -20.44 9.63 2.64
CA ASP C 126 -20.16 11.05 2.46
C ASP C 126 -19.44 11.33 1.15
N LEU C 127 -19.56 10.45 0.16
CA LEU C 127 -18.76 10.56 -1.05
C LEU C 127 -19.10 11.84 -1.82
N LYS C 128 -18.09 12.63 -2.12
CA LYS C 128 -18.25 13.85 -2.89
C LYS C 128 -16.90 14.23 -3.48
N PRO C 129 -16.87 15.10 -4.49
CA PRO C 129 -15.59 15.47 -5.11
C PRO C 129 -14.54 16.01 -4.15
N HIS C 130 -14.94 16.46 -2.96
CA HIS C 130 -13.97 16.96 -1.99
C HIS C 130 -13.22 15.84 -1.29
N ASN C 131 -13.86 14.69 -1.10
CA ASN C 131 -13.26 13.53 -0.47
C ASN C 131 -12.47 12.66 -1.45
N ILE C 132 -12.58 12.92 -2.74
CA ILE C 132 -11.85 12.16 -3.75
C ILE C 132 -10.60 12.94 -4.08
N LEU C 133 -9.44 12.32 -3.86
CA LEU C 133 -8.15 12.98 -3.95
C LEU C 133 -7.40 12.50 -5.18
N ILE C 134 -6.70 13.43 -5.82
CA ILE C 134 -5.85 13.15 -6.96
C ILE C 134 -4.42 13.00 -6.46
N SER C 135 -3.77 11.89 -6.77
CA SER C 135 -2.49 11.55 -6.19
C SER C 135 -1.37 12.41 -6.76
N MET C 136 -0.27 12.45 -6.01
CA MET C 136 0.98 12.93 -6.57
C MET C 136 1.48 11.92 -7.61
N PRO C 137 2.14 12.39 -8.67
CA PRO C 137 2.62 11.44 -9.69
C PRO C 137 3.68 10.52 -9.13
N ASN C 138 3.59 9.24 -9.52
CA ASN C 138 4.57 8.25 -9.07
C ASN C 138 5.86 8.39 -9.89
N ALA C 139 6.75 7.40 -9.75
CA ALA C 139 8.03 7.46 -10.45
C ALA C 139 7.86 7.38 -11.96
N HIS C 140 6.69 6.94 -12.42
CA HIS C 140 6.39 6.87 -13.85
C HIS C 140 5.53 8.03 -14.31
N GLY C 141 5.25 9.01 -13.45
CA GLY C 141 4.40 10.12 -13.79
C GLY C 141 2.92 9.83 -13.83
N LYS C 142 2.48 8.70 -13.31
CA LYS C 142 1.08 8.31 -13.35
C LYS C 142 0.33 8.85 -12.12
N ILE C 143 -0.88 9.33 -12.36
CA ILE C 143 -1.72 9.95 -11.35
C ILE C 143 -3.01 9.14 -11.24
N LYS C 144 -3.48 8.94 -10.01
CA LYS C 144 -4.65 8.13 -9.76
C LYS C 144 -5.60 8.86 -8.82
N ALA C 145 -6.84 8.40 -8.77
CA ALA C 145 -7.82 8.91 -7.82
C ALA C 145 -7.93 7.99 -6.62
N MET C 146 -8.03 8.57 -5.43
CA MET C 146 -8.15 7.82 -4.20
C MET C 146 -9.32 8.34 -3.39
N ILE C 147 -9.85 7.47 -2.53
CA ILE C 147 -11.00 7.77 -1.69
C ILE C 147 -10.53 7.94 -0.26
N SER C 148 -10.86 9.07 0.34
CA SER C 148 -10.57 9.36 1.73
C SER C 148 -11.86 9.73 2.46
N ASP C 149 -11.76 9.88 3.78
CA ASP C 149 -12.84 10.40 4.63
C ASP C 149 -14.08 9.51 4.58
N PHE C 150 -13.87 8.21 4.42
CA PHE C 150 -14.98 7.28 4.24
C PHE C 150 -15.41 6.67 5.58
N GLY C 151 -16.58 6.04 5.55
CA GLY C 151 -17.12 5.41 6.74
C GLY C 151 -17.50 6.39 7.84
N LEU C 152 -17.83 7.63 7.47
CA LEU C 152 -18.09 8.75 8.37
C LEU C 152 -16.81 9.27 9.01
N CYS C 153 -15.65 8.77 8.58
CA CYS C 153 -14.35 9.13 9.12
C CYS C 153 -14.35 9.04 10.64
N PRO C 170 -24.10 12.27 5.58
CA PRO C 170 -25.18 13.12 6.06
C PRO C 170 -24.72 14.56 6.34
N GLY C 171 -25.65 15.49 6.37
CA GLY C 171 -25.31 16.89 6.61
C GLY C 171 -24.83 17.62 5.37
N THR C 172 -23.88 17.04 4.66
CA THR C 172 -23.37 17.61 3.42
C THR C 172 -24.50 18.04 2.49
N GLU C 173 -24.44 19.29 2.03
CA GLU C 173 -25.49 19.82 1.17
C GLU C 173 -25.28 19.35 -0.27
N GLY C 174 -26.30 18.68 -0.82
CA GLY C 174 -26.36 18.38 -2.24
C GLY C 174 -25.74 17.07 -2.67
N TRP C 175 -25.41 16.17 -1.75
CA TRP C 175 -24.85 14.88 -2.14
C TRP C 175 -25.46 13.71 -1.40
N ILE C 176 -26.50 13.94 -0.58
CA ILE C 176 -27.09 12.88 0.22
C ILE C 176 -28.14 12.15 -0.59
N ALA C 177 -28.18 10.83 -0.44
CA ALA C 177 -29.24 10.05 -1.04
C ALA C 177 -30.59 10.47 -0.45
N PRO C 178 -31.63 10.57 -1.28
CA PRO C 178 -32.96 10.95 -0.76
C PRO C 178 -33.41 10.17 0.47
N GLU C 179 -33.21 8.85 0.50
CA GLU C 179 -33.74 8.07 1.62
C GLU C 179 -32.92 8.25 2.89
N MET C 180 -31.70 8.76 2.81
CA MET C 180 -30.92 9.09 4.00
C MET C 180 -31.28 10.46 4.55
N LEU C 181 -32.20 11.17 3.91
CA LEU C 181 -32.61 12.49 4.35
C LEU C 181 -34.13 12.59 4.37
N PRO C 189 -25.91 3.78 5.34
CA PRO C 189 -26.06 2.49 6.02
C PRO C 189 -26.08 1.33 5.03
N THR C 190 -26.56 1.60 3.82
CA THR C 190 -26.52 0.64 2.73
C THR C 190 -25.68 1.24 1.60
N TYR C 191 -25.06 0.36 0.82
CA TYR C 191 -24.14 0.80 -0.22
C TYR C 191 -24.83 1.70 -1.24
N THR C 192 -26.15 1.59 -1.37
CA THR C 192 -26.89 2.36 -2.36
C THR C 192 -26.80 3.86 -2.15
N VAL C 193 -26.60 4.31 -0.91
CA VAL C 193 -26.42 5.75 -0.69
C VAL C 193 -25.12 6.22 -1.31
N ASP C 194 -24.12 5.35 -1.40
CA ASP C 194 -22.86 5.70 -2.06
C ASP C 194 -23.00 5.69 -3.57
N ILE C 195 -23.83 4.81 -4.11
CA ILE C 195 -24.02 4.76 -5.56
C ILE C 195 -24.76 6.00 -6.03
N PHE C 196 -25.63 6.55 -5.18
CA PHE C 196 -26.32 7.79 -5.54
C PHE C 196 -25.33 8.95 -5.63
N SER C 197 -24.48 9.11 -4.61
CA SER C 197 -23.53 10.21 -4.61
C SER C 197 -22.41 9.97 -5.62
N ALA C 198 -22.05 8.70 -5.86
CA ALA C 198 -21.14 8.39 -6.96
C ALA C 198 -21.75 8.76 -8.30
N GLY C 199 -23.03 8.48 -8.49
CA GLY C 199 -23.71 8.90 -9.70
C GLY C 199 -23.68 10.41 -9.88
N CYS C 200 -23.82 11.16 -8.78
CA CYS C 200 -23.70 12.61 -8.85
C CYS C 200 -22.27 13.03 -9.13
N VAL C 201 -21.29 12.32 -8.57
CA VAL C 201 -19.89 12.58 -8.87
C VAL C 201 -19.60 12.30 -10.34
N PHE C 202 -20.11 11.17 -10.86
CA PHE C 202 -19.96 10.84 -12.27
C PHE C 202 -20.41 11.99 -13.15
N TYR C 203 -21.66 12.43 -12.97
CA TYR C 203 -22.18 13.54 -13.77
C TYR C 203 -21.38 14.81 -13.54
N TYR C 204 -20.99 15.06 -12.29
CA TYR C 204 -20.15 16.21 -11.96
C TYR C 204 -18.88 16.24 -12.81
N VAL C 205 -18.17 15.11 -12.87
CA VAL C 205 -16.94 15.04 -13.65
C VAL C 205 -17.24 15.11 -15.15
N ILE C 206 -18.24 14.36 -15.60
CA ILE C 206 -18.56 14.32 -17.03
C ILE C 206 -18.97 15.70 -17.53
N SER C 207 -19.81 16.40 -16.79
CA SER C 207 -20.29 17.71 -17.21
C SER C 207 -19.33 18.84 -16.88
N GLU C 208 -18.21 18.54 -16.22
CA GLU C 208 -17.20 19.54 -15.84
C GLU C 208 -17.81 20.62 -14.95
N GLY C 209 -18.41 20.20 -13.84
CA GLY C 209 -18.85 21.12 -12.81
C GLY C 209 -20.32 21.11 -12.49
N SER C 210 -21.19 20.70 -13.41
CA SER C 210 -22.61 20.73 -13.14
C SER C 210 -23.01 19.59 -12.20
N HIS C 211 -24.24 19.67 -11.69
CA HIS C 211 -24.76 18.70 -10.75
C HIS C 211 -26.08 18.15 -11.29
N PRO C 212 -26.36 16.87 -11.07
CA PRO C 212 -27.64 16.31 -11.56
C PRO C 212 -28.86 17.00 -10.99
N PHE C 213 -28.72 17.74 -9.89
CA PHE C 213 -29.86 18.34 -9.21
C PHE C 213 -29.72 19.85 -9.04
N GLY C 214 -28.84 20.49 -9.81
CA GLY C 214 -28.88 21.93 -9.92
C GLY C 214 -27.71 22.62 -9.24
N LYS C 215 -27.94 23.89 -8.91
CA LYS C 215 -26.99 24.66 -8.14
C LYS C 215 -27.05 24.25 -6.66
N SER C 216 -26.08 24.74 -5.89
CA SER C 216 -25.82 24.18 -4.56
C SER C 216 -26.99 24.39 -3.62
N LEU C 217 -27.60 25.59 -3.62
CA LEU C 217 -28.67 25.87 -2.67
C LEU C 217 -29.93 25.06 -2.98
N GLN C 218 -30.33 25.01 -4.26
CA GLN C 218 -31.52 24.26 -4.64
C GLN C 218 -31.28 22.77 -4.75
N ARG C 219 -30.10 22.29 -4.34
CA ARG C 219 -29.69 20.94 -4.69
C ARG C 219 -30.44 19.90 -3.88
N GLN C 220 -30.36 19.98 -2.56
CA GLN C 220 -31.07 19.03 -1.72
C GLN C 220 -32.58 19.11 -1.91
N ALA C 221 -33.11 20.31 -2.14
CA ALA C 221 -34.53 20.45 -2.44
C ALA C 221 -34.87 19.78 -3.77
N ASN C 222 -33.89 19.71 -4.68
CA ASN C 222 -34.11 19.02 -5.95
C ASN C 222 -33.89 17.52 -5.81
N ILE C 223 -33.07 17.11 -4.85
CA ILE C 223 -32.88 15.68 -4.61
C ILE C 223 -34.13 15.06 -4.03
N LEU C 224 -34.80 15.79 -3.14
CA LEU C 224 -36.07 15.30 -2.60
C LEU C 224 -37.16 15.29 -3.66
N LEU C 225 -37.23 16.34 -4.48
CA LEU C 225 -38.24 16.42 -5.52
C LEU C 225 -37.96 15.47 -6.68
N GLY C 226 -36.69 15.11 -6.89
CA GLY C 226 -36.33 14.20 -7.96
C GLY C 226 -36.08 14.85 -9.30
N ALA C 227 -35.40 16.01 -9.32
CA ALA C 227 -35.07 16.67 -10.58
C ALA C 227 -34.36 15.73 -11.55
N CYS C 228 -33.17 15.26 -11.18
CA CYS C 228 -32.37 14.37 -12.02
C CYS C 228 -32.13 14.96 -13.41
N SER C 229 -32.02 16.29 -13.49
CA SER C 229 -31.81 16.98 -14.77
C SER C 229 -30.40 16.72 -15.25
N LEU C 230 -30.26 16.00 -16.36
CA LEU C 230 -28.96 15.64 -16.93
C LEU C 230 -28.72 16.32 -18.27
N ASP C 231 -29.09 17.60 -18.38
CA ASP C 231 -29.13 18.27 -19.67
C ASP C 231 -27.76 18.44 -20.32
N CYS C 232 -26.67 18.33 -19.56
CA CYS C 232 -25.35 18.40 -20.16
C CYS C 232 -25.06 17.21 -21.07
N LEU C 233 -25.75 16.09 -20.88
CA LEU C 233 -25.54 14.88 -21.68
C LEU C 233 -26.43 14.94 -22.92
N HIS C 234 -25.80 15.03 -24.08
CA HIS C 234 -26.54 15.14 -25.34
C HIS C 234 -27.23 13.83 -25.67
N PRO C 235 -28.51 13.85 -26.02
CA PRO C 235 -29.21 12.59 -26.34
C PRO C 235 -28.90 12.02 -27.72
N GLU C 236 -27.94 12.59 -28.46
CA GLU C 236 -27.61 12.08 -29.78
C GLU C 236 -26.11 11.81 -29.94
N LYS C 237 -25.34 11.97 -28.86
CA LYS C 237 -23.94 11.55 -28.84
C LYS C 237 -23.86 10.17 -28.21
N HIS C 238 -23.05 9.30 -28.81
CA HIS C 238 -22.94 7.92 -28.34
C HIS C 238 -22.42 7.87 -26.90
N GLU C 239 -21.41 8.67 -26.60
CA GLU C 239 -20.84 8.64 -25.25
C GLU C 239 -21.80 9.22 -24.22
N ASP C 240 -22.58 10.24 -24.61
CA ASP C 240 -23.52 10.85 -23.68
C ASP C 240 -24.76 9.98 -23.49
N VAL C 241 -25.13 9.21 -24.52
CA VAL C 241 -26.23 8.26 -24.36
C VAL C 241 -25.83 7.15 -23.40
N ILE C 242 -24.58 6.69 -23.51
CA ILE C 242 -24.10 5.64 -22.61
C ILE C 242 -23.92 6.19 -21.19
N ALA C 243 -23.46 7.44 -21.08
CA ALA C 243 -23.23 8.01 -19.75
C ALA C 243 -24.54 8.37 -19.06
N ARG C 244 -25.57 8.68 -19.85
CA ARG C 244 -26.88 8.96 -19.25
C ARG C 244 -27.53 7.68 -18.78
N GLU C 245 -27.32 6.58 -19.51
CA GLU C 245 -27.90 5.30 -19.12
C GLU C 245 -27.39 4.84 -17.77
N LEU C 246 -26.11 5.09 -17.49
CA LEU C 246 -25.54 4.71 -16.19
C LEU C 246 -25.95 5.69 -15.10
N ILE C 247 -25.76 6.98 -15.35
CA ILE C 247 -25.99 7.98 -14.32
C ILE C 247 -27.46 8.01 -13.90
N GLU C 248 -28.38 7.89 -14.87
CA GLU C 248 -29.81 7.97 -14.56
C GLU C 248 -30.24 6.91 -13.56
N LYS C 249 -29.62 5.73 -13.57
CA LYS C 249 -30.00 4.69 -12.62
C LYS C 249 -29.10 4.63 -11.40
N MET C 250 -27.98 5.34 -11.40
CA MET C 250 -27.21 5.54 -10.17
C MET C 250 -27.91 6.53 -9.25
N ILE C 251 -28.48 7.60 -9.81
CA ILE C 251 -29.21 8.59 -9.04
C ILE C 251 -30.71 8.28 -8.99
N ALA C 252 -31.09 7.04 -9.29
CA ALA C 252 -32.49 6.62 -9.19
C ALA C 252 -33.04 6.93 -7.80
N MET C 253 -34.26 7.46 -7.78
CA MET C 253 -34.89 7.78 -6.50
C MET C 253 -35.13 6.53 -5.68
N ASP C 254 -35.60 5.46 -6.31
CA ASP C 254 -35.70 4.18 -5.63
C ASP C 254 -34.31 3.64 -5.35
N PRO C 255 -33.92 3.42 -4.10
CA PRO C 255 -32.58 2.89 -3.83
C PRO C 255 -32.37 1.48 -4.35
N GLN C 256 -33.44 0.69 -4.48
CA GLN C 256 -33.30 -0.69 -4.92
C GLN C 256 -33.02 -0.80 -6.41
N LYS C 257 -33.27 0.27 -7.17
CA LYS C 257 -33.00 0.27 -8.60
C LYS C 257 -31.57 0.70 -8.93
N ARG C 258 -30.76 1.03 -7.94
CA ARG C 258 -29.40 1.49 -8.20
C ARG C 258 -28.46 0.29 -8.35
N PRO C 259 -27.57 0.33 -9.34
CA PRO C 259 -26.60 -0.75 -9.49
C PRO C 259 -25.56 -0.73 -8.37
N SER C 260 -25.01 -1.89 -8.08
CA SER C 260 -23.87 -1.94 -7.18
C SER C 260 -22.65 -1.32 -7.84
N ALA C 261 -21.59 -1.13 -7.05
CA ALA C 261 -20.37 -0.55 -7.61
C ALA C 261 -19.68 -1.52 -8.58
N LYS C 262 -19.90 -2.82 -8.42
CA LYS C 262 -19.37 -3.78 -9.38
C LYS C 262 -20.22 -3.82 -10.64
N HIS C 263 -21.51 -3.50 -10.54
CA HIS C 263 -22.33 -3.33 -11.74
C HIS C 263 -21.89 -2.09 -12.52
N VAL C 264 -21.64 -0.99 -11.83
CA VAL C 264 -21.21 0.24 -12.48
C VAL C 264 -19.91 0.02 -13.25
N LEU C 265 -18.96 -0.71 -12.66
CA LEU C 265 -17.66 -0.91 -13.30
C LEU C 265 -17.78 -1.76 -14.56
N LYS C 266 -18.79 -2.62 -14.64
CA LYS C 266 -19.03 -3.42 -15.82
C LYS C 266 -19.79 -2.68 -16.91
N HIS C 267 -20.22 -1.44 -16.66
CA HIS C 267 -21.07 -0.73 -17.58
C HIS C 267 -20.29 -0.34 -18.84
N PRO C 268 -20.96 -0.27 -20.01
CA PRO C 268 -20.32 0.21 -21.23
C PRO C 268 -19.66 1.58 -21.12
N PHE C 269 -20.06 2.34 -20.09
CA PHE C 269 -19.47 3.65 -19.86
C PHE C 269 -17.96 3.56 -19.68
N PHE C 270 -17.47 2.46 -19.14
CA PHE C 270 -16.05 2.26 -18.89
C PHE C 270 -15.36 1.42 -19.94
N TRP C 271 -16.07 1.00 -20.99
CA TRP C 271 -15.47 0.14 -22.00
C TRP C 271 -14.56 0.93 -22.92
N SER C 272 -13.45 0.32 -23.33
CA SER C 272 -12.63 0.88 -24.38
C SER C 272 -13.30 0.64 -25.74
N LEU C 273 -12.84 1.38 -26.75
CA LEU C 273 -13.35 1.19 -28.10
C LEU C 273 -13.16 -0.24 -28.59
N GLU C 274 -12.06 -0.88 -28.19
CA GLU C 274 -11.83 -2.28 -28.56
C GLU C 274 -12.86 -3.19 -27.90
N LYS C 275 -13.24 -2.89 -26.65
CA LYS C 275 -14.24 -3.72 -25.97
C LYS C 275 -15.63 -3.46 -26.50
N GLN C 276 -15.92 -2.24 -26.97
CA GLN C 276 -17.20 -1.96 -27.59
C GLN C 276 -17.36 -2.72 -28.90
N LEU C 277 -16.30 -2.77 -29.71
CA LEU C 277 -16.34 -3.51 -30.96
C LEU C 277 -16.36 -5.01 -30.72
N GLN C 278 -15.72 -5.46 -29.64
CA GLN C 278 -15.77 -6.88 -29.31
C GLN C 278 -17.15 -7.29 -28.84
N PHE C 279 -17.81 -6.45 -28.04
CA PHE C 279 -19.19 -6.70 -27.65
C PHE C 279 -20.09 -6.81 -28.89
N PHE C 280 -19.93 -5.87 -29.83
CA PHE C 280 -20.73 -5.89 -31.04
C PHE C 280 -20.52 -7.16 -31.85
N GLN C 281 -19.26 -7.63 -31.94
CA GLN C 281 -18.98 -8.88 -32.64
C GLN C 281 -19.60 -10.07 -31.91
N ASP C 282 -19.46 -10.10 -30.57
CA ASP C 282 -20.01 -11.20 -29.80
C ASP C 282 -21.53 -11.26 -29.92
N VAL C 283 -22.19 -10.10 -29.94
CA VAL C 283 -23.64 -10.06 -30.05
C VAL C 283 -24.08 -10.57 -31.42
N SER C 284 -23.44 -10.09 -32.48
CA SER C 284 -23.84 -10.48 -33.83
C SER C 284 -23.54 -11.95 -34.10
N ASP C 285 -22.51 -12.50 -33.43
CA ASP C 285 -22.27 -13.93 -33.53
C ASP C 285 -23.31 -14.71 -32.73
N ARG C 286 -23.72 -14.20 -31.58
CA ARG C 286 -24.74 -14.86 -30.77
C ARG C 286 -26.09 -14.88 -31.49
N ILE C 287 -26.39 -13.85 -32.28
CA ILE C 287 -27.69 -13.74 -32.95
C ILE C 287 -27.67 -14.20 -34.40
N GLU C 288 -26.51 -14.58 -34.92
CA GLU C 288 -26.42 -14.93 -36.34
C GLU C 288 -27.28 -16.14 -36.67
N LYS C 289 -27.11 -17.24 -35.91
CA LYS C 289 -27.96 -18.41 -36.06
C LYS C 289 -29.05 -18.40 -34.99
N GLU C 290 -29.93 -17.42 -35.02
CA GLU C 290 -30.99 -17.27 -34.04
C GLU C 290 -32.30 -16.99 -34.75
N SER C 291 -33.39 -17.53 -34.20
CA SER C 291 -34.70 -17.36 -34.82
C SER C 291 -35.16 -15.92 -34.71
N LEU C 292 -35.70 -15.39 -35.81
CA LEU C 292 -36.17 -14.02 -35.83
C LEU C 292 -37.38 -13.80 -34.93
N ASP C 293 -38.15 -14.85 -34.64
CA ASP C 293 -39.27 -14.76 -33.71
C ASP C 293 -38.86 -15.12 -32.29
N GLY C 294 -37.60 -15.50 -32.06
CA GLY C 294 -37.13 -15.84 -30.75
C GLY C 294 -36.99 -14.63 -29.84
N PRO C 295 -37.01 -14.86 -28.54
CA PRO C 295 -36.93 -13.73 -27.59
C PRO C 295 -35.69 -12.87 -27.75
N ILE C 296 -34.56 -13.46 -28.14
CA ILE C 296 -33.33 -12.70 -28.29
C ILE C 296 -33.48 -11.64 -29.37
N VAL C 297 -33.83 -12.06 -30.59
CA VAL C 297 -33.96 -11.13 -31.69
C VAL C 297 -35.16 -10.20 -31.49
N LYS C 298 -36.24 -10.72 -30.90
CA LYS C 298 -37.43 -9.89 -30.67
C LYS C 298 -37.09 -8.69 -29.78
N GLN C 299 -36.48 -8.94 -28.63
CA GLN C 299 -36.11 -7.85 -27.73
C GLN C 299 -35.08 -6.94 -28.37
N LEU C 300 -34.17 -7.49 -29.19
CA LEU C 300 -33.18 -6.68 -29.87
C LEU C 300 -33.80 -5.76 -30.92
N GLU C 301 -35.01 -6.06 -31.38
CA GLU C 301 -35.65 -5.26 -32.41
C GLU C 301 -36.76 -4.35 -31.91
N ARG C 302 -37.06 -4.35 -30.60
CA ARG C 302 -38.02 -3.41 -30.08
C ARG C 302 -37.40 -2.01 -30.08
N GLY C 303 -38.12 -1.05 -30.67
CA GLY C 303 -37.53 0.26 -30.87
C GLY C 303 -36.37 0.29 -31.83
N GLY C 304 -36.15 -0.81 -32.58
CA GLY C 304 -35.02 -0.86 -33.49
C GLY C 304 -35.04 0.20 -34.56
N ARG C 305 -36.23 0.59 -35.01
CA ARG C 305 -36.32 1.58 -36.08
C ARG C 305 -35.74 2.92 -35.65
N ALA C 306 -35.86 3.26 -34.36
CA ALA C 306 -35.24 4.48 -33.87
C ALA C 306 -33.73 4.36 -33.79
N VAL C 307 -33.21 3.16 -33.49
CA VAL C 307 -31.78 2.98 -33.34
C VAL C 307 -31.08 3.09 -34.68
N VAL C 308 -31.60 2.40 -35.70
CA VAL C 308 -30.94 2.34 -37.00
C VAL C 308 -31.34 3.54 -37.87
N LYS C 309 -32.08 4.48 -37.27
CA LYS C 309 -32.55 5.67 -37.98
C LYS C 309 -33.39 5.28 -39.21
N MET C 310 -34.36 4.38 -38.98
CA MET C 310 -35.28 3.86 -39.98
C MET C 310 -34.57 2.93 -40.96
N ASP C 311 -33.64 3.45 -41.73
CA ASP C 311 -32.86 2.66 -42.68
C ASP C 311 -31.39 2.96 -42.44
N TRP C 312 -30.66 1.97 -41.94
CA TRP C 312 -29.24 2.19 -41.63
C TRP C 312 -28.38 2.18 -42.90
N ARG C 313 -28.88 1.57 -43.97
CA ARG C 313 -28.09 1.47 -45.18
C ARG C 313 -27.81 2.85 -45.79
N GLU C 314 -28.70 3.81 -45.58
CA GLU C 314 -28.52 5.15 -46.10
C GLU C 314 -27.74 6.06 -45.16
N ASN C 315 -27.51 5.66 -43.92
CA ASN C 315 -26.80 6.50 -42.97
C ASN C 315 -25.29 6.30 -42.99
N ILE C 316 -24.82 5.13 -43.42
CA ILE C 316 -23.39 4.97 -43.64
C ILE C 316 -22.96 5.82 -44.82
N THR C 317 -21.65 6.06 -44.92
CA THR C 317 -21.11 6.91 -45.97
C THR C 317 -21.15 6.18 -47.31
N VAL C 318 -21.13 6.97 -48.39
CA VAL C 318 -21.21 6.39 -49.72
C VAL C 318 -20.11 5.37 -49.99
N PRO C 319 -18.82 5.63 -49.69
CA PRO C 319 -17.81 4.58 -49.92
C PRO C 319 -18.12 3.24 -49.27
N LEU C 320 -18.62 3.24 -48.03
CA LEU C 320 -19.04 1.97 -47.43
C LEU C 320 -20.34 1.47 -48.05
N GLN C 321 -21.22 2.38 -48.46
CA GLN C 321 -22.41 2.00 -49.20
C GLN C 321 -22.06 1.26 -50.49
N THR C 322 -21.04 1.75 -51.20
CA THR C 322 -20.64 1.11 -52.45
C THR C 322 -20.25 -0.35 -52.24
N ASP C 323 -19.47 -0.64 -51.20
CA ASP C 323 -19.08 -2.02 -50.93
C ASP C 323 -20.22 -2.80 -50.29
N LEU C 324 -21.14 -2.10 -49.61
CA LEU C 324 -22.31 -2.78 -49.06
C LEU C 324 -23.32 -3.10 -50.14
N ARG C 325 -23.34 -2.34 -51.23
CA ARG C 325 -24.16 -2.66 -52.39
C ARG C 325 -23.71 -3.95 -53.08
N LYS C 326 -22.50 -4.42 -52.79
CA LYS C 326 -22.07 -5.72 -53.30
C LYS C 326 -22.87 -6.86 -52.70
N PHE C 327 -23.42 -6.67 -51.49
CA PHE C 327 -24.40 -7.58 -50.90
C PHE C 327 -25.64 -6.74 -50.58
N ARG C 328 -26.50 -6.55 -51.58
CA ARG C 328 -27.66 -5.68 -51.45
C ARG C 328 -28.74 -6.25 -50.54
N THR C 329 -28.61 -7.52 -50.13
CA THR C 329 -29.70 -8.21 -49.44
C THR C 329 -30.01 -7.64 -48.06
N TYR C 330 -29.10 -6.86 -47.47
CA TYR C 330 -29.32 -6.35 -46.12
C TYR C 330 -30.61 -5.52 -46.04
N LYS C 331 -31.31 -5.67 -44.92
CA LYS C 331 -32.52 -4.89 -44.65
C LYS C 331 -32.19 -3.77 -43.68
N GLY C 332 -32.76 -2.59 -43.92
CA GLY C 332 -32.37 -1.41 -43.18
C GLY C 332 -33.12 -1.17 -41.89
N GLY C 333 -34.25 -1.84 -41.71
CA GLY C 333 -34.98 -1.70 -40.45
C GLY C 333 -34.48 -2.57 -39.33
N SER C 334 -33.61 -3.53 -39.62
CA SER C 334 -33.14 -4.51 -38.64
C SER C 334 -31.88 -4.01 -37.96
N VAL C 335 -31.90 -3.98 -36.62
CA VAL C 335 -30.68 -3.77 -35.86
C VAL C 335 -29.69 -4.92 -36.10
N ARG C 336 -30.21 -6.15 -36.15
CA ARG C 336 -29.37 -7.32 -36.36
C ARG C 336 -28.63 -7.25 -37.69
N ASP C 337 -29.26 -6.67 -38.71
CA ASP C 337 -28.58 -6.54 -40.00
C ASP C 337 -27.47 -5.49 -39.94
N LEU C 338 -27.67 -4.44 -39.14
CA LEU C 338 -26.59 -3.48 -38.94
C LEU C 338 -25.43 -4.11 -38.17
N LEU C 339 -25.74 -4.99 -37.20
CA LEU C 339 -24.70 -5.65 -36.44
C LEU C 339 -23.91 -6.63 -37.31
N ARG C 340 -24.61 -7.50 -38.04
CA ARG C 340 -23.91 -8.49 -38.85
C ARG C 340 -23.21 -7.86 -40.04
N ALA C 341 -23.72 -6.73 -40.55
CA ALA C 341 -22.99 -6.00 -41.58
C ALA C 341 -21.72 -5.39 -41.00
N MET C 342 -21.83 -4.76 -39.84
CA MET C 342 -20.65 -4.17 -39.19
C MET C 342 -19.64 -5.26 -38.82
N ARG C 343 -20.11 -6.43 -38.43
CA ARG C 343 -19.21 -7.52 -38.08
C ARG C 343 -18.47 -8.05 -39.29
N ASN C 344 -19.15 -8.13 -40.45
CA ASN C 344 -18.51 -8.65 -41.65
C ASN C 344 -17.36 -7.75 -42.09
N LYS C 345 -17.55 -6.43 -42.06
CA LYS C 345 -16.49 -5.53 -42.49
C LYS C 345 -15.30 -5.56 -41.54
N LYS C 346 -15.51 -5.99 -40.29
CA LYS C 346 -14.41 -6.16 -39.35
C LYS C 346 -13.60 -7.41 -39.69
N HIS C 347 -14.28 -8.52 -39.93
CA HIS C 347 -13.60 -9.77 -40.22
C HIS C 347 -12.87 -9.71 -41.56
N HIS C 348 -13.48 -9.06 -42.54
CA HIS C 348 -12.89 -8.93 -43.88
C HIS C 348 -12.11 -7.65 -44.05
N TYR C 349 -11.74 -6.98 -42.94
CA TYR C 349 -11.14 -5.66 -43.04
C TYR C 349 -9.89 -5.65 -43.91
N ARG C 350 -9.00 -6.62 -43.72
CA ARG C 350 -7.73 -6.60 -44.47
C ARG C 350 -7.94 -6.81 -45.97
N GLU C 351 -9.07 -7.40 -46.38
CA GLU C 351 -9.35 -7.56 -47.80
C GLU C 351 -9.99 -6.32 -48.41
N LEU C 352 -10.49 -5.40 -47.57
CA LEU C 352 -11.26 -4.27 -48.07
C LEU C 352 -10.40 -3.35 -48.92
N PRO C 353 -11.00 -2.70 -49.92
CA PRO C 353 -10.26 -1.69 -50.69
C PRO C 353 -9.78 -0.56 -49.78
N ALA C 354 -8.63 0.02 -50.14
CA ALA C 354 -8.10 1.14 -49.36
C ALA C 354 -9.11 2.28 -49.28
N GLU C 355 -9.85 2.52 -50.36
CA GLU C 355 -10.87 3.57 -50.36
C GLU C 355 -11.98 3.29 -49.34
N VAL C 356 -12.13 2.04 -48.91
CA VAL C 356 -13.11 1.71 -47.87
C VAL C 356 -12.45 1.72 -46.50
N ARG C 357 -11.23 1.18 -46.40
CA ARG C 357 -10.52 1.18 -45.13
C ARG C 357 -10.26 2.59 -44.61
N GLU C 358 -10.19 3.57 -45.51
CA GLU C 358 -9.92 4.94 -45.09
C GLU C 358 -11.14 5.62 -44.48
N THR C 359 -12.35 5.28 -44.95
CA THR C 359 -13.56 5.77 -44.31
C THR C 359 -13.83 5.08 -42.98
N LEU C 360 -13.82 3.74 -42.95
CA LEU C 360 -14.03 3.01 -41.71
C LEU C 360 -12.98 3.32 -40.67
N GLY C 361 -11.73 3.49 -41.09
CA GLY C 361 -10.64 3.73 -40.17
C GLY C 361 -10.05 2.42 -39.64
N SER C 362 -8.99 2.57 -38.86
CA SER C 362 -8.25 1.42 -38.35
C SER C 362 -9.09 0.63 -37.34
N LEU C 363 -8.96 -0.68 -37.40
CA LEU C 363 -9.47 -1.53 -36.33
C LEU C 363 -8.62 -1.33 -35.08
N PRO C 364 -9.23 -1.34 -33.89
CA PRO C 364 -10.67 -1.35 -33.59
C PRO C 364 -11.26 0.03 -33.30
N ASP C 365 -10.43 1.00 -32.91
CA ASP C 365 -10.95 2.26 -32.37
C ASP C 365 -11.70 3.05 -33.42
N ASP C 366 -11.04 3.37 -34.54
CA ASP C 366 -11.68 4.15 -35.58
C ASP C 366 -12.85 3.40 -36.23
N PHE C 367 -12.74 2.07 -36.30
CA PHE C 367 -13.80 1.28 -36.93
C PHE C 367 -15.10 1.34 -36.16
N VAL C 368 -15.02 1.24 -34.83
CA VAL C 368 -16.25 1.24 -34.04
C VAL C 368 -16.80 2.66 -33.89
N CYS C 369 -15.93 3.67 -33.81
CA CYS C 369 -16.39 5.05 -33.78
C CYS C 369 -17.18 5.41 -35.03
N TYR C 370 -16.84 4.78 -36.17
CA TYR C 370 -17.59 4.99 -37.39
C TYR C 370 -19.07 4.68 -37.20
N PHE C 371 -19.38 3.57 -36.53
CA PHE C 371 -20.78 3.14 -36.41
C PHE C 371 -21.47 3.74 -35.20
N THR C 372 -20.75 3.87 -34.07
CA THR C 372 -21.37 4.42 -32.87
C THR C 372 -21.73 5.88 -33.05
N SER C 373 -20.88 6.65 -33.75
CA SER C 373 -21.14 8.06 -33.95
C SER C 373 -22.31 8.31 -34.89
N ARG C 374 -22.60 7.37 -35.79
CA ARG C 374 -23.76 7.50 -36.67
C ARG C 374 -25.02 6.90 -36.08
N PHE C 375 -24.87 5.91 -35.19
CA PHE C 375 -25.99 5.28 -34.49
C PHE C 375 -25.71 5.38 -32.99
N PRO C 376 -25.92 6.56 -32.40
CA PRO C 376 -25.49 6.77 -31.00
C PRO C 376 -26.23 5.91 -30.00
N HIS C 377 -27.39 5.38 -30.34
CA HIS C 377 -28.13 4.50 -29.44
C HIS C 377 -27.88 3.03 -29.72
N LEU C 378 -26.94 2.69 -30.59
CA LEU C 378 -26.72 1.30 -30.97
C LEU C 378 -26.14 0.49 -29.82
N LEU C 379 -25.09 1.01 -29.18
CA LEU C 379 -24.48 0.30 -28.06
C LEU C 379 -25.42 0.27 -26.86
N ALA C 380 -26.07 1.39 -26.55
CA ALA C 380 -26.92 1.45 -25.37
C ALA C 380 -28.15 0.58 -25.54
N HIS C 381 -28.70 0.51 -26.76
CA HIS C 381 -29.84 -0.36 -27.02
C HIS C 381 -29.43 -1.82 -26.99
N THR C 382 -28.39 -2.17 -27.73
CA THR C 382 -27.96 -3.56 -27.81
C THR C 382 -27.57 -4.10 -26.44
N TYR C 383 -26.80 -3.32 -25.67
CA TYR C 383 -26.39 -3.76 -24.34
C TYR C 383 -27.58 -4.13 -23.48
N ARG C 384 -28.57 -3.25 -23.40
CA ARG C 384 -29.75 -3.55 -22.60
C ARG C 384 -30.61 -4.63 -23.25
N ALA C 385 -30.61 -4.70 -24.58
CA ALA C 385 -31.42 -5.71 -25.27
C ALA C 385 -30.82 -7.09 -25.14
N MET C 386 -29.53 -7.17 -24.82
CA MET C 386 -28.85 -8.46 -24.65
C MET C 386 -28.65 -8.83 -23.19
N GLU C 387 -29.40 -8.21 -22.27
CA GLU C 387 -29.31 -8.61 -20.87
C GLU C 387 -29.92 -9.97 -20.63
N LEU C 388 -30.88 -10.39 -21.47
CA LEU C 388 -31.55 -11.66 -21.24
C LEU C 388 -30.65 -12.85 -21.53
N CYS C 389 -29.45 -12.64 -22.08
CA CYS C 389 -28.44 -13.68 -22.19
C CYS C 389 -27.13 -13.27 -21.54
N SER C 390 -27.19 -12.43 -20.51
CA SER C 390 -26.00 -12.03 -19.77
C SER C 390 -25.42 -13.18 -18.96
N HIS C 391 -26.22 -14.19 -18.65
CA HIS C 391 -25.75 -15.35 -17.89
C HIS C 391 -24.84 -16.24 -18.71
N GLU C 392 -24.82 -16.09 -20.03
CA GLU C 392 -23.99 -16.92 -20.88
C GLU C 392 -22.52 -16.63 -20.66
N ARG C 393 -21.69 -17.66 -20.86
CA ARG C 393 -20.25 -17.50 -20.69
C ARG C 393 -19.67 -16.49 -21.66
N LEU C 394 -20.24 -16.40 -22.86
CA LEU C 394 -19.75 -15.46 -23.86
C LEU C 394 -19.84 -14.02 -23.37
N PHE C 395 -20.82 -13.71 -22.54
CA PHE C 395 -21.13 -12.34 -22.14
C PHE C 395 -20.69 -12.01 -20.73
N GLN C 396 -19.87 -12.85 -20.09
CA GLN C 396 -19.35 -12.59 -18.76
C GLN C 396 -18.55 -11.28 -18.68
N PRO C 397 -17.68 -10.96 -19.65
CA PRO C 397 -16.90 -9.71 -19.53
C PRO C 397 -17.74 -8.46 -19.60
N TYR C 398 -18.95 -8.51 -20.16
CA TYR C 398 -19.72 -7.29 -20.42
C TYR C 398 -20.77 -7.00 -19.34
N TYR C 399 -21.29 -8.04 -18.69
CA TYR C 399 -22.30 -7.87 -17.65
C TYR C 399 -21.74 -8.38 -16.32
N PHE C 400 -22.30 -7.86 -15.23
CA PHE C 400 -21.96 -8.34 -13.90
C PHE C 400 -23.11 -9.19 -13.37
N HIS C 401 -22.77 -10.37 -12.86
CA HIS C 401 -23.71 -11.21 -12.16
C HIS C 401 -22.95 -11.99 -11.10
N GLU C 402 -23.61 -12.23 -9.97
CA GLU C 402 -22.94 -12.83 -8.82
C GLU C 402 -23.63 -14.11 -8.37
N PRO D 1 -22.44 31.11 -1.28
CA PRO D 1 -22.89 32.28 -0.53
C PRO D 1 -22.18 33.56 -0.97
N VAL D 2 -22.76 34.72 -0.62
CA VAL D 2 -22.16 35.99 -1.00
C VAL D 2 -20.87 36.24 -0.22
N LEU D 3 -20.86 35.89 1.07
CA LEU D 3 -19.67 36.05 1.90
C LEU D 3 -18.76 34.85 1.68
N ARG D 4 -17.63 35.09 1.01
CA ARG D 4 -16.72 34.02 0.65
C ARG D 4 -15.33 34.61 0.46
N SER D 5 -14.34 33.72 0.44
CA SER D 5 -12.99 34.14 0.11
C SER D 5 -12.76 33.99 -1.38
N VAL D 6 -12.11 34.99 -1.97
CA VAL D 6 -11.71 34.88 -3.37
C VAL D 6 -10.43 34.07 -3.45
N ASN D 7 -10.34 33.19 -4.45
CA ASN D 7 -9.15 32.37 -4.65
C ASN D 7 -8.07 33.16 -5.38
N SER D 8 -7.56 34.19 -4.69
CA SER D 8 -6.59 35.09 -5.30
C SER D 8 -5.22 34.46 -5.39
N ARG D 9 -4.83 33.69 -4.37
CA ARG D 9 -3.51 33.08 -4.26
C ARG D 9 -2.39 34.11 -4.23
N GLU D 10 -2.68 35.32 -3.75
CA GLU D 10 -1.69 36.36 -3.54
C GLU D 10 -1.38 36.44 -2.06
N PRO D 11 -0.23 35.94 -1.60
CA PRO D 11 0.01 35.86 -0.15
C PRO D 11 0.07 37.23 0.51
N SER D 12 -0.59 37.32 1.68
CA SER D 12 -0.59 38.51 2.51
C SER D 12 -0.31 38.12 3.95
N GLN D 13 0.59 38.86 4.61
CA GLN D 13 0.94 38.59 6.00
C GLN D 13 0.05 39.44 6.90
N VAL D 14 -0.46 38.83 7.96
CA VAL D 14 -1.43 39.47 8.85
C VAL D 14 -1.06 39.18 10.29
N ILE D 15 -1.12 40.20 11.13
CA ILE D 15 -0.89 40.07 12.57
C ILE D 15 -2.26 39.92 13.24
N PHE D 16 -2.60 38.69 13.63
CA PHE D 16 -3.80 38.45 14.43
C PHE D 16 -3.52 38.89 15.86
N CYS D 17 -3.82 40.15 16.17
CA CYS D 17 -3.50 40.75 17.47
C CYS D 17 -4.75 40.68 18.34
N ASN D 18 -4.73 39.78 19.31
CA ASN D 18 -5.86 39.55 20.22
C ASN D 18 -5.80 40.58 21.34
N ARG D 19 -6.53 41.68 21.18
CA ARG D 19 -6.57 42.74 22.19
C ARG D 19 -7.80 42.64 23.07
N SER D 20 -8.35 41.44 23.20
CA SER D 20 -9.49 41.19 24.06
C SER D 20 -9.08 40.23 25.15
N PRO D 21 -9.75 40.27 26.30
CA PRO D 21 -9.50 39.27 27.34
C PRO D 21 -10.23 37.96 27.14
N ARG D 22 -10.23 37.42 25.93
CA ARG D 22 -10.86 36.15 25.61
C ARG D 22 -9.95 35.36 24.67
N VAL D 23 -10.14 34.05 24.66
CA VAL D 23 -9.48 33.22 23.66
C VAL D 23 -10.24 33.37 22.34
N VAL D 24 -9.54 33.83 21.31
CA VAL D 24 -10.16 34.14 20.02
C VAL D 24 -10.06 32.92 19.12
N LEU D 25 -11.15 32.61 18.43
CA LEU D 25 -11.15 31.57 17.41
C LEU D 25 -11.18 32.25 16.06
N PRO D 26 -10.08 32.25 15.30
CA PRO D 26 -10.12 32.80 13.94
C PRO D 26 -10.92 31.86 13.03
N VAL D 27 -11.94 32.43 12.38
CA VAL D 27 -12.82 31.67 11.50
C VAL D 27 -12.63 32.19 10.09
N TRP D 28 -12.22 31.29 9.19
CA TRP D 28 -11.98 31.65 7.80
C TRP D 28 -13.08 31.07 6.92
N LEU D 29 -13.77 31.94 6.18
CA LEU D 29 -14.76 31.47 5.23
C LEU D 29 -14.05 31.03 3.96
N ASN D 30 -14.20 29.77 3.59
CA ASN D 30 -13.47 29.25 2.45
C ASN D 30 -14.06 29.82 1.16
N PHE D 31 -13.61 29.32 0.01
CA PHE D 31 -14.04 29.86 -1.27
C PHE D 31 -15.52 29.55 -1.55
N ASP D 32 -16.11 28.62 -0.81
CA ASP D 32 -17.54 28.36 -0.89
C ASP D 32 -18.34 29.11 0.18
N GLY D 33 -17.67 29.85 1.06
CA GLY D 33 -18.35 30.56 2.12
C GLY D 33 -18.53 29.78 3.41
N GLU D 34 -18.09 28.53 3.44
CA GLU D 34 -18.20 27.71 4.64
C GLU D 34 -17.14 28.14 5.65
N PRO D 35 -17.51 28.33 6.92
CA PRO D 35 -16.53 28.79 7.91
C PRO D 35 -15.64 27.64 8.41
N GLN D 36 -14.33 27.88 8.40
CA GLN D 36 -13.32 26.92 8.83
C GLN D 36 -12.60 27.44 10.05
N PRO D 37 -12.67 26.76 11.20
CA PRO D 37 -11.99 27.24 12.41
C PRO D 37 -10.49 27.00 12.35
N TYR D 38 -9.73 28.01 12.72
CA TYR D 38 -8.27 27.95 12.77
C TYR D 38 -7.80 27.86 14.22
N PRO D 39 -6.50 27.67 14.46
CA PRO D 39 -6.02 27.58 15.84
C PRO D 39 -6.32 28.84 16.65
N THR D 40 -6.69 28.63 17.91
CA THR D 40 -7.13 29.73 18.76
C THR D 40 -5.98 30.62 19.20
N LEU D 41 -6.31 31.86 19.55
CA LEU D 41 -5.33 32.86 19.96
C LEU D 41 -5.53 33.17 21.43
N PRO D 42 -4.49 33.03 22.27
CA PRO D 42 -4.67 33.36 23.69
C PRO D 42 -4.83 34.85 23.89
N PRO D 43 -5.53 35.28 24.94
CA PRO D 43 -5.74 36.71 25.17
C PRO D 43 -4.42 37.46 25.29
N GLY D 44 -4.38 38.66 24.70
CA GLY D 44 -3.20 39.50 24.70
C GLY D 44 -2.18 39.19 23.63
N THR D 45 -2.13 37.96 23.12
CA THR D 45 -1.09 37.55 22.20
C THR D 45 -1.42 37.94 20.76
N GLY D 46 -0.37 38.09 19.97
CA GLY D 46 -0.51 38.31 18.54
C GLY D 46 0.35 37.31 17.79
N ARG D 47 -0.06 37.01 16.56
CA ARG D 47 0.63 36.02 15.73
C ARG D 47 0.79 36.52 14.31
N ARG D 48 1.95 36.26 13.72
CA ARG D 48 2.15 36.47 12.29
C ARG D 48 1.47 35.33 11.54
N ILE D 49 0.60 35.69 10.59
CA ILE D 49 -0.31 34.75 9.95
C ILE D 49 -0.15 34.86 8.45
N HIS D 50 -0.18 33.72 7.77
CA HIS D 50 -0.14 33.68 6.31
C HIS D 50 -1.57 33.56 5.79
N SER D 51 -1.99 34.56 5.01
CA SER D 51 -3.33 34.58 4.44
C SER D 51 -3.18 35.08 3.01
N TYR D 52 -4.30 35.41 2.38
CA TYR D 52 -4.30 35.86 1.00
C TYR D 52 -5.28 37.01 0.85
N ARG D 53 -5.01 37.88 -0.11
CA ARG D 53 -5.86 39.03 -0.35
C ARG D 53 -7.28 38.58 -0.68
N GLY D 54 -8.25 39.30 -0.12
CA GLY D 54 -9.64 38.99 -0.39
C GLY D 54 -10.21 37.83 0.38
N HIS D 55 -9.43 37.22 1.27
CA HIS D 55 -9.97 36.18 2.12
C HIS D 55 -10.74 36.79 3.29
N LEU D 56 -11.76 36.07 3.75
CA LEU D 56 -12.68 36.57 4.76
C LEU D 56 -12.40 35.91 6.10
N TRP D 57 -12.16 36.74 7.12
CA TRP D 57 -11.96 36.27 8.48
C TRP D 57 -12.97 36.94 9.39
N LEU D 58 -13.57 36.14 10.27
CA LEU D 58 -14.32 36.66 11.40
C LEU D 58 -13.85 35.93 12.65
N PHE D 59 -13.95 36.60 13.79
CA PHE D 59 -13.31 36.14 15.02
C PHE D 59 -14.35 35.99 16.11
N ARG D 60 -14.36 34.82 16.74
CA ARG D 60 -15.31 34.47 17.78
C ARG D 60 -14.58 34.17 19.07
N ASP D 61 -15.32 34.19 20.17
CA ASP D 61 -14.84 33.54 21.39
C ASP D 61 -14.66 32.06 21.10
N ALA D 62 -13.54 31.49 21.57
CA ALA D 62 -13.29 30.08 21.32
C ALA D 62 -14.19 29.18 22.14
N GLY D 63 -14.67 29.66 23.28
CA GLY D 63 -15.54 28.87 24.13
C GLY D 63 -17.02 29.06 23.85
N THR D 64 -17.46 30.31 23.77
CA THR D 64 -18.87 30.65 23.63
C THR D 64 -19.26 31.06 22.22
N HIS D 65 -18.29 31.20 21.31
CA HIS D 65 -18.52 31.68 19.94
C HIS D 65 -19.18 33.05 19.91
N ASP D 66 -18.96 33.88 20.94
CA ASP D 66 -19.44 35.25 20.92
C ASP D 66 -18.73 36.05 19.83
N GLY D 67 -19.49 36.84 19.09
CA GLY D 67 -18.90 37.66 18.06
C GLY D 67 -17.93 38.68 18.63
N LEU D 68 -16.80 38.82 17.96
CA LEU D 68 -15.78 39.79 18.34
C LEU D 68 -15.50 40.72 17.17
N LEU D 69 -15.11 41.95 17.49
CA LEU D 69 -14.74 42.90 16.46
C LEU D 69 -13.28 42.69 16.04
N VAL D 70 -12.98 43.03 14.80
CA VAL D 70 -11.62 43.11 14.31
C VAL D 70 -11.49 44.40 13.51
N ASN D 71 -10.62 45.29 13.98
CA ASN D 71 -10.53 46.65 13.46
C ASN D 71 -11.90 47.32 13.45
N GLN D 72 -12.61 47.18 14.56
CA GLN D 72 -13.95 47.74 14.75
C GLN D 72 -14.94 47.31 13.68
N THR D 73 -14.77 46.10 13.14
CA THR D 73 -15.63 45.59 12.08
C THR D 73 -15.86 44.10 12.30
N GLU D 74 -17.05 43.64 11.90
CA GLU D 74 -17.36 42.22 11.98
C GLU D 74 -16.40 41.34 11.18
N LEU D 75 -15.98 41.79 10.00
CA LEU D 75 -15.20 40.98 9.09
C LEU D 75 -13.87 41.64 8.79
N PHE D 76 -12.86 40.80 8.55
CA PHE D 76 -11.51 41.24 8.23
C PHE D 76 -11.09 40.69 6.88
N VAL D 77 -10.52 41.56 6.05
CA VAL D 77 -10.06 41.19 4.73
C VAL D 77 -8.61 41.63 4.61
N PRO D 78 -7.65 40.72 4.37
CA PRO D 78 -6.26 41.14 4.23
C PRO D 78 -6.03 41.91 2.94
N SER D 79 -5.39 43.07 3.08
CA SER D 79 -4.95 43.84 1.93
C SER D 79 -3.54 43.40 1.53
N LEU D 80 -3.11 43.82 0.35
CA LEU D 80 -1.73 43.63 -0.06
C LEU D 80 -0.78 44.26 0.96
N ASN D 81 0.40 43.66 1.09
CA ASN D 81 1.41 44.13 2.04
C ASN D 81 2.06 45.39 1.50
N VAL D 82 1.36 46.52 1.70
CA VAL D 82 1.87 47.79 1.24
C VAL D 82 3.13 48.15 2.02
N ASP D 83 4.20 48.47 1.31
CA ASP D 83 5.50 48.83 1.90
C ASP D 83 6.11 47.66 2.68
N GLY D 84 5.55 46.46 2.53
CA GLY D 84 6.05 45.29 3.21
C GLY D 84 5.56 45.10 4.63
N GLN D 85 4.67 45.95 5.12
CA GLN D 85 4.17 45.82 6.48
C GLN D 85 3.09 44.74 6.54
N PRO D 86 3.02 43.99 7.64
CA PRO D 86 1.93 43.03 7.81
C PRO D 86 0.68 43.71 8.34
N ILE D 87 -0.46 43.43 7.70
CA ILE D 87 -1.72 44.05 8.06
C ILE D 87 -2.09 43.64 9.48
N PHE D 88 -2.52 44.61 10.28
CA PHE D 88 -2.86 44.34 11.68
C PHE D 88 -4.36 44.07 11.82
N ALA D 89 -4.69 43.01 12.55
CA ALA D 89 -6.08 42.62 12.81
C ALA D 89 -6.27 42.68 14.33
N ASN D 90 -6.73 43.83 14.82
CA ASN D 90 -6.94 44.03 16.26
C ASN D 90 -8.29 43.44 16.65
N ILE D 91 -8.25 42.25 17.24
CA ILE D 91 -9.45 41.55 17.67
C ILE D 91 -9.80 42.06 19.07
N THR D 92 -10.98 42.68 19.20
CA THR D 92 -11.34 43.36 20.43
C THR D 92 -12.77 43.01 20.81
N LEU D 93 -13.07 43.18 22.08
CA LEU D 93 -14.44 43.01 22.56
C LEU D 93 -15.32 44.14 22.05
N PRO D 94 -16.49 43.85 21.50
CA PRO D 94 -17.46 44.90 21.21
C PRO D 94 -18.23 45.25 22.46
N VAL D 95 -18.74 46.48 22.50
CA VAL D 95 -19.60 46.85 23.61
C VAL D 95 -20.91 46.08 23.44
N TYR D 96 -21.11 45.06 24.26
CA TYR D 96 -22.33 44.28 24.15
C TYR D 96 -23.50 45.04 24.75
N THR D 97 -24.69 44.80 24.19
CA THR D 97 -25.90 45.27 24.83
C THR D 97 -26.04 44.58 26.19
N LEU D 98 -26.55 45.32 27.17
CA LEU D 98 -26.58 44.79 28.54
C LEU D 98 -27.33 43.46 28.61
N LYS D 99 -28.37 43.32 27.80
CA LYS D 99 -29.08 42.04 27.72
C LYS D 99 -28.14 40.92 27.26
N GLU D 100 -27.45 41.14 26.13
CA GLU D 100 -26.57 40.11 25.60
C GLU D 100 -25.42 39.80 26.55
N ARG D 101 -24.86 40.83 27.19
CA ARG D 101 -23.78 40.58 28.15
C ARG D 101 -24.26 39.76 29.34
N CYS D 102 -25.46 40.05 29.85
CA CYS D 102 -26.02 39.24 30.92
C CYS D 102 -26.35 37.83 30.42
N LEU D 103 -26.73 37.72 29.15
CA LEU D 103 -27.03 36.41 28.59
C LEU D 103 -25.78 35.54 28.53
N GLN D 104 -24.63 36.14 28.22
CA GLN D 104 -23.38 35.38 28.21
C GLN D 104 -23.00 34.92 29.61
N VAL D 105 -23.27 35.75 30.62
CA VAL D 105 -22.97 35.37 32.00
C VAL D 105 -23.84 34.19 32.42
N VAL D 106 -25.14 34.27 32.12
CA VAL D 106 -26.05 33.19 32.48
C VAL D 106 -25.73 31.92 31.70
N ARG D 107 -25.36 32.06 30.43
CA ARG D 107 -25.03 30.88 29.63
C ARG D 107 -23.83 30.12 30.20
N SER D 108 -22.85 30.83 30.76
CA SER D 108 -21.69 30.16 31.32
C SER D 108 -22.01 29.52 32.68
N LEU D 109 -22.79 30.22 33.52
CA LEU D 109 -23.09 29.72 34.85
C LEU D 109 -24.12 28.60 34.82
N VAL D 110 -25.03 28.64 33.85
CA VAL D 110 -26.16 27.72 33.78
C VAL D 110 -26.01 26.87 32.52
N LYS D 111 -26.04 25.56 32.69
CA LYS D 111 -25.98 24.64 31.58
C LYS D 111 -27.33 24.59 30.85
N PRO D 112 -27.32 24.24 29.56
CA PRO D 112 -28.57 24.30 28.77
C PRO D 112 -29.74 23.55 29.40
N GLU D 113 -29.49 22.43 30.08
CA GLU D 113 -30.56 21.64 30.68
C GLU D 113 -31.26 22.34 31.84
N ASN D 114 -30.79 23.53 32.23
CA ASN D 114 -31.36 24.24 33.38
C ASN D 114 -31.90 25.62 33.04
N TYR D 115 -31.85 26.04 31.77
CA TYR D 115 -32.36 27.36 31.40
C TYR D 115 -33.85 27.51 31.72
N ARG D 116 -34.63 26.48 31.41
CA ARG D 116 -36.08 26.57 31.57
C ARG D 116 -36.53 26.32 33.00
N ARG D 117 -35.61 26.23 33.94
CA ARG D 117 -35.95 26.11 35.36
C ARG D 117 -35.69 27.40 36.13
N LEU D 118 -35.05 28.39 35.50
CA LEU D 118 -34.78 29.65 36.18
C LEU D 118 -36.05 30.46 36.34
N ASP D 119 -36.16 31.16 37.47
CA ASP D 119 -37.32 32.01 37.77
C ASP D 119 -37.22 33.35 37.02
N ILE D 120 -37.34 33.25 35.70
CA ILE D 120 -37.28 34.42 34.81
C ILE D 120 -38.42 34.32 33.82
N VAL D 121 -38.63 35.42 33.07
CA VAL D 121 -39.65 35.45 32.04
C VAL D 121 -39.41 34.32 31.06
N ARG D 122 -40.49 33.67 30.62
CA ARG D 122 -40.37 32.47 29.80
C ARG D 122 -39.70 32.76 28.46
N SER D 123 -39.82 33.99 27.95
CA SER D 123 -39.19 34.31 26.67
C SER D 123 -37.68 34.41 26.78
N LEU D 124 -37.14 34.50 28.01
CA LEU D 124 -35.70 34.48 28.19
C LEU D 124 -35.12 33.10 27.99
N TYR D 125 -35.92 32.04 28.12
CA TYR D 125 -35.45 30.70 27.81
C TYR D 125 -35.11 30.57 26.33
N GLU D 126 -35.95 31.13 25.46
CA GLU D 126 -35.66 31.12 24.03
C GLU D 126 -34.44 31.97 23.70
N ASP D 127 -34.24 33.07 24.43
CA ASP D 127 -33.08 33.92 24.19
C ASP D 127 -31.81 33.27 24.72
N LEU D 128 -31.93 32.42 25.76
CA LEU D 128 -30.76 31.73 26.29
C LEU D 128 -30.36 30.59 25.37
N GLU D 129 -31.32 29.84 24.85
CA GLU D 129 -31.02 28.80 23.88
C GLU D 129 -30.58 29.34 22.53
N ASP D 130 -30.69 30.66 22.33
CA ASP D 130 -30.20 31.28 21.10
C ASP D 130 -28.71 31.56 21.22
N HIS D 131 -27.95 30.47 21.29
CA HIS D 131 -26.51 30.57 21.46
C HIS D 131 -25.88 31.30 20.26
N PRO D 132 -24.74 31.96 20.47
CA PRO D 132 -24.09 32.66 19.37
C PRO D 132 -23.66 31.68 18.28
N ASN D 133 -24.08 31.97 17.05
CA ASN D 133 -23.92 31.03 15.95
C ASN D 133 -23.23 31.75 14.80
N VAL D 134 -22.15 31.14 14.29
CA VAL D 134 -21.44 31.73 13.16
C VAL D 134 -22.27 31.66 11.90
N GLN D 135 -22.94 30.53 11.66
CA GLN D 135 -23.77 30.39 10.48
C GLN D 135 -24.94 31.36 10.52
N LYS D 136 -25.50 31.61 11.71
CA LYS D 136 -26.56 32.60 11.84
C LYS D 136 -26.06 34.00 11.49
N ASP D 137 -24.85 34.34 11.96
CA ASP D 137 -24.31 35.66 11.68
C ASP D 137 -23.87 35.79 10.23
N LEU D 138 -23.61 34.68 9.54
CA LEU D 138 -23.27 34.77 8.12
C LEU D 138 -24.51 35.08 7.30
N GLU D 139 -25.68 34.58 7.72
CA GLU D 139 -26.92 34.99 7.06
C GLU D 139 -27.20 36.46 7.30
N ARG D 140 -27.02 36.92 8.54
CA ARG D 140 -27.27 38.32 8.86
C ARG D 140 -26.29 39.25 8.14
N LEU D 141 -25.00 38.88 8.11
CA LEU D 141 -24.01 39.71 7.46
C LEU D 141 -24.20 39.73 5.94
N THR D 142 -24.70 38.64 5.37
CA THR D 142 -25.05 38.64 3.95
C THR D 142 -26.20 39.59 3.67
N GLN D 143 -27.25 39.52 4.50
CA GLN D 143 -28.39 40.42 4.33
C GLN D 143 -27.97 41.88 4.50
N GLU D 144 -27.15 42.17 5.51
CA GLU D 144 -26.67 43.53 5.69
C GLU D 144 -25.78 43.98 4.54
N ARG D 145 -25.02 43.07 3.95
CA ARG D 145 -24.13 43.43 2.85
C ARG D 145 -24.90 43.72 1.57
N ILE D 146 -25.84 42.84 1.22
CA ILE D 146 -26.54 42.97 -0.06
C ILE D 146 -27.50 44.15 -0.06
N ALA D 147 -27.76 44.74 1.09
CA ALA D 147 -28.64 45.91 1.17
C ALA D 147 -27.86 47.18 0.88
N MET E 1 -28.89 67.80 30.07
CA MET E 1 -29.73 67.72 31.26
C MET E 1 -29.42 66.46 32.06
N TYR E 2 -29.86 66.44 33.31
CA TYR E 2 -29.70 65.30 34.20
C TYR E 2 -31.07 64.78 34.61
N VAL E 3 -31.16 63.46 34.79
CA VAL E 3 -32.40 62.80 35.13
C VAL E 3 -32.18 61.95 36.37
N LYS E 4 -33.27 61.72 37.10
CA LYS E 4 -33.23 60.99 38.37
C LYS E 4 -33.93 59.66 38.23
N LEU E 5 -33.26 58.59 38.68
CA LEU E 5 -33.82 57.25 38.71
C LEU E 5 -34.00 56.83 40.16
N ILE E 6 -35.01 56.01 40.41
CA ILE E 6 -35.36 55.59 41.77
C ILE E 6 -35.56 54.08 41.77
N SER E 7 -35.07 53.43 42.84
CA SER E 7 -35.23 51.99 43.00
C SER E 7 -36.45 51.68 43.86
N HIS E 11 -33.51 53.96 46.95
CA HIS E 11 -32.30 54.70 46.58
C HIS E 11 -32.54 55.58 45.36
N GLU E 12 -31.70 56.59 45.20
CA GLU E 12 -31.80 57.54 44.10
C GLU E 12 -30.48 57.62 43.36
N PHE E 13 -30.56 57.65 42.02
CA PHE E 13 -29.40 57.78 41.16
C PHE E 13 -29.65 58.92 40.18
N ILE E 14 -28.59 59.68 39.87
CA ILE E 14 -28.68 60.78 38.93
C ILE E 14 -27.66 60.55 37.83
N VAL E 15 -28.12 60.58 36.58
CA VAL E 15 -27.27 60.38 35.42
C VAL E 15 -27.60 61.43 34.37
N LYS E 16 -26.71 61.58 33.40
CA LYS E 16 -26.95 62.51 32.31
C LYS E 16 -27.99 61.94 31.36
N ARG E 17 -28.74 62.83 30.71
CA ARG E 17 -29.79 62.39 29.80
C ARG E 17 -29.20 61.72 28.56
N GLU E 18 -27.97 62.11 28.18
CA GLU E 18 -27.31 61.45 27.07
C GLU E 18 -26.84 60.05 27.45
N HIS E 19 -26.68 59.80 28.75
CA HIS E 19 -26.35 58.45 29.20
C HIS E 19 -27.61 57.62 29.40
N ALA E 20 -28.61 58.20 30.07
CA ALA E 20 -29.86 57.48 30.32
C ALA E 20 -30.57 57.11 29.03
N LEU E 21 -30.27 57.80 27.93
CA LEU E 21 -30.88 57.48 26.65
C LEU E 21 -30.43 56.14 26.09
N THR E 22 -29.40 55.53 26.69
CA THR E 22 -28.97 54.21 26.24
C THR E 22 -30.07 53.18 26.42
N SER E 23 -31.03 53.47 27.31
CA SER E 23 -32.17 52.59 27.52
C SER E 23 -33.34 53.04 26.67
N GLY E 24 -33.82 52.14 25.80
CA GLY E 24 -34.98 52.47 24.99
C GLY E 24 -36.22 52.72 25.82
N THR E 25 -36.40 51.95 26.91
CA THR E 25 -37.56 52.14 27.77
C THR E 25 -37.50 53.46 28.51
N ILE E 26 -36.32 53.80 29.05
CA ILE E 26 -36.18 55.08 29.75
C ILE E 26 -36.26 56.24 28.77
N LYS E 27 -35.92 55.99 27.50
CA LYS E 27 -36.01 57.04 26.49
C LYS E 27 -37.45 57.22 26.05
N ALA E 28 -38.31 56.22 26.31
CA ALA E 28 -39.73 56.38 26.06
C ALA E 28 -40.42 57.03 27.26
N MET E 29 -40.03 56.65 28.47
CA MET E 29 -40.59 57.27 29.67
C MET E 29 -40.21 58.73 29.78
N LEU E 30 -39.00 59.09 29.34
CA LEU E 30 -38.56 60.48 29.38
C LEU E 30 -39.03 61.28 28.18
N SER E 31 -39.79 60.67 27.27
CA SER E 31 -40.33 61.37 26.12
C SER E 31 -41.71 60.84 25.76
N GLU E 43 -37.85 62.21 35.85
CA GLU E 43 -37.77 61.31 36.99
C GLU E 43 -38.53 60.01 36.71
N VAL E 44 -37.87 58.88 36.97
CA VAL E 44 -38.46 57.56 36.76
C VAL E 44 -38.21 56.73 38.01
N ASN E 45 -39.24 56.03 38.46
CA ASN E 45 -39.15 55.15 39.62
C ASN E 45 -39.51 53.73 39.20
N PHE E 46 -38.71 52.76 39.64
CA PHE E 46 -38.94 51.37 39.30
C PHE E 46 -39.41 50.58 40.52
N ILE E 49 -37.15 47.31 40.19
CA ILE E 49 -35.70 47.15 40.10
C ILE E 49 -35.04 47.56 41.42
N PRO E 50 -34.37 46.61 42.07
CA PRO E 50 -33.65 46.93 43.31
C PRO E 50 -32.44 47.81 43.05
N SER E 51 -32.06 48.55 44.10
CA SER E 51 -30.93 49.47 44.00
C SER E 51 -29.66 48.76 43.54
N HIS E 52 -29.41 47.56 44.05
CA HIS E 52 -28.19 46.84 43.69
C HIS E 52 -28.19 46.39 42.23
N VAL E 53 -29.34 46.45 41.56
CA VAL E 53 -29.40 46.15 40.13
C VAL E 53 -29.50 47.42 39.30
N LEU E 54 -30.10 48.47 39.85
CA LEU E 54 -30.24 49.71 39.11
C LEU E 54 -28.95 50.53 39.14
N SER E 55 -28.13 50.36 40.17
CA SER E 55 -26.79 50.94 40.17
C SER E 55 -25.92 50.24 39.14
N LYS E 56 -26.11 48.94 38.95
CA LYS E 56 -25.39 48.23 37.90
C LYS E 56 -25.81 48.69 36.52
N VAL E 57 -27.08 49.09 36.36
CA VAL E 57 -27.52 49.67 35.10
C VAL E 57 -26.89 51.05 34.91
N CYS E 58 -26.74 51.81 36.00
CA CYS E 58 -26.07 53.10 35.91
C CYS E 58 -24.59 52.93 35.59
N MET E 59 -24.01 51.81 36.02
CA MET E 59 -22.62 51.53 35.67
C MET E 59 -22.49 51.09 34.22
N TYR E 60 -23.52 50.41 33.69
CA TYR E 60 -23.49 50.05 32.28
C TYR E 60 -23.60 51.28 31.40
N PHE E 61 -24.39 52.27 31.80
CA PHE E 61 -24.52 53.48 30.99
C PHE E 61 -23.19 54.23 30.91
N THR E 62 -22.46 54.30 32.03
CA THR E 62 -21.13 54.92 32.00
C THR E 62 -20.17 54.09 31.17
N TYR E 63 -20.25 52.76 31.30
CA TYR E 63 -19.41 51.88 30.50
C TYR E 63 -19.70 52.04 29.01
N LYS E 64 -20.97 52.10 28.64
CA LYS E 64 -21.35 52.20 27.24
C LYS E 64 -20.88 53.51 26.62
N VAL E 65 -21.15 54.63 27.30
CA VAL E 65 -20.80 55.93 26.73
C VAL E 65 -19.28 56.08 26.65
N ARG E 66 -18.55 55.53 27.62
CA ARG E 66 -17.10 55.66 27.62
C ARG E 66 -16.48 54.89 26.45
N TYR E 67 -16.97 53.69 26.17
CA TYR E 67 -16.27 52.77 25.27
C TYR E 67 -16.93 52.59 23.92
N THR E 68 -18.12 53.15 23.70
CA THR E 68 -18.70 53.15 22.36
C THR E 68 -17.88 54.03 21.43
N ASN E 69 -17.44 53.45 20.31
CA ASN E 69 -16.59 54.12 19.34
C ASN E 69 -15.25 54.57 19.94
N SER E 70 -14.83 53.90 21.00
CA SER E 70 -13.52 54.19 21.59
C SER E 70 -12.41 53.58 20.76
N SER E 71 -11.30 54.32 20.64
CA SER E 71 -10.14 53.82 19.91
C SER E 71 -9.38 52.75 20.68
N THR E 72 -9.49 52.75 22.01
CA THR E 72 -8.76 51.79 22.82
C THR E 72 -9.43 50.42 22.76
N GLU E 73 -8.70 49.40 23.23
CA GLU E 73 -9.33 48.13 23.55
C GLU E 73 -10.30 48.33 24.71
N ILE E 74 -11.24 47.41 24.82
CA ILE E 74 -12.42 47.58 25.67
C ILE E 74 -12.40 46.47 26.71
N PRO E 75 -12.61 46.78 27.99
CA PRO E 75 -12.55 45.75 29.03
C PRO E 75 -13.90 45.08 29.24
N GLU E 76 -13.81 43.78 29.55
CA GLU E 76 -15.00 43.00 29.83
C GLU E 76 -15.81 43.64 30.96
N PHE E 77 -17.10 43.87 30.68
CA PHE E 77 -18.03 44.35 31.68
C PHE E 77 -18.22 43.27 32.74
N PRO E 78 -17.88 43.54 34.00
CA PRO E 78 -17.91 42.48 35.02
C PRO E 78 -19.30 42.36 35.62
N ILE E 79 -19.78 41.11 35.73
CA ILE E 79 -21.09 40.82 36.30
C ILE E 79 -20.92 39.71 37.34
N ALA E 80 -21.44 39.95 38.55
CA ALA E 80 -21.37 38.94 39.60
C ALA E 80 -22.41 37.85 39.36
N PRO E 81 -22.08 36.59 39.67
CA PRO E 81 -23.05 35.49 39.44
C PRO E 81 -24.37 35.66 40.19
N GLU E 82 -24.34 36.23 41.39
CA GLU E 82 -25.56 36.34 42.19
C GLU E 82 -26.51 37.40 41.64
N ILE E 83 -26.01 38.37 40.88
CA ILE E 83 -26.85 39.40 40.28
C ILE E 83 -27.19 39.09 38.83
N ALA E 84 -26.58 38.07 38.22
CA ALA E 84 -26.80 37.78 36.81
C ALA E 84 -28.28 37.71 36.45
N LEU E 85 -29.08 36.98 37.23
CA LEU E 85 -30.48 36.81 36.87
C LEU E 85 -31.28 38.07 37.12
N GLU E 86 -31.06 38.72 38.26
CA GLU E 86 -31.75 39.97 38.55
C GLU E 86 -31.41 41.05 37.53
N LEU E 87 -30.17 41.06 37.03
CA LEU E 87 -29.76 42.08 36.08
C LEU E 87 -30.19 41.73 34.67
N LEU E 88 -30.26 40.44 34.33
CA LEU E 88 -30.81 40.03 33.05
C LEU E 88 -32.27 40.41 32.94
N MET E 89 -33.03 40.19 34.02
CA MET E 89 -34.44 40.56 34.03
C MET E 89 -34.62 42.06 33.85
N ALA E 90 -33.81 42.85 34.56
CA ALA E 90 -33.87 44.30 34.42
C ALA E 90 -33.47 44.73 33.01
N ALA E 91 -32.40 44.14 32.48
CA ALA E 91 -31.93 44.51 31.15
C ALA E 91 -32.94 44.13 30.07
N ASN E 92 -33.58 42.97 30.23
CA ASN E 92 -34.62 42.57 29.28
C ASN E 92 -35.80 43.52 29.33
N PHE E 93 -36.07 44.11 30.50
CA PHE E 93 -37.16 45.07 30.63
C PHE E 93 -36.77 46.43 30.06
N LEU E 94 -35.51 46.84 30.25
CA LEU E 94 -35.05 48.14 29.77
C LEU E 94 -34.75 48.11 28.28
N MET F 1 57.23 -40.48 38.31
CA MET F 1 58.55 -39.93 38.00
C MET F 1 58.47 -38.43 37.77
N TYR F 2 59.56 -37.74 38.11
CA TYR F 2 59.67 -36.30 37.93
C TYR F 2 60.80 -35.99 36.96
N VAL F 3 60.65 -34.91 36.21
CA VAL F 3 61.62 -34.51 35.21
C VAL F 3 62.02 -33.06 35.45
N LYS F 4 63.23 -32.71 35.00
CA LYS F 4 63.80 -31.39 35.23
C LYS F 4 63.89 -30.63 33.91
N LEU F 5 63.42 -29.40 33.92
CA LEU F 5 63.51 -28.49 32.78
C LEU F 5 64.44 -27.35 33.13
N ILE F 6 65.15 -26.82 32.13
CA ILE F 6 66.13 -25.78 32.34
C ILE F 6 65.91 -24.68 31.31
N SER F 7 66.04 -23.43 31.74
CA SER F 7 65.90 -22.28 30.86
C SER F 7 67.27 -21.83 30.35
N HIS F 11 67.58 -20.96 35.09
CA HIS F 11 66.64 -21.44 36.10
C HIS F 11 66.28 -22.90 35.88
N GLU F 12 65.80 -23.56 36.94
CA GLU F 12 65.44 -24.97 36.90
C GLU F 12 64.01 -25.14 37.39
N PHE F 13 63.25 -25.99 36.69
CA PHE F 13 61.89 -26.32 37.07
C PHE F 13 61.74 -27.83 37.11
N ILE F 14 60.98 -28.33 38.07
CA ILE F 14 60.72 -29.76 38.22
C ILE F 14 59.21 -29.99 38.16
N VAL F 15 58.78 -30.88 37.27
CA VAL F 15 57.38 -31.21 37.09
C VAL F 15 57.25 -32.73 37.00
N LYS F 16 56.01 -33.20 37.16
CA LYS F 16 55.75 -34.63 37.04
C LYS F 16 55.79 -35.03 35.57
N ARG F 17 56.16 -36.29 35.31
CA ARG F 17 56.26 -36.76 33.94
C ARG F 17 54.89 -36.85 33.28
N GLU F 18 53.84 -37.07 34.09
CA GLU F 18 52.48 -37.07 33.55
C GLU F 18 52.03 -35.66 33.20
N HIS F 19 52.65 -34.64 33.79
CA HIS F 19 52.35 -33.26 33.40
C HIS F 19 53.20 -32.84 32.22
N ALA F 20 54.50 -33.12 32.28
CA ALA F 20 55.41 -32.74 31.19
C ALA F 20 55.04 -33.41 29.87
N LEU F 21 54.31 -34.53 29.93
CA LEU F 21 53.88 -35.21 28.72
C LEU F 21 52.86 -34.42 27.93
N THR F 22 52.32 -33.34 28.49
CA THR F 22 51.39 -32.51 27.73
C THR F 22 52.07 -31.89 26.52
N SER F 23 53.39 -31.81 26.54
CA SER F 23 54.15 -31.29 25.41
C SER F 23 54.60 -32.44 24.53
N GLY F 24 54.20 -32.42 23.25
CA GLY F 24 54.63 -33.44 22.32
C GLY F 24 56.13 -33.43 22.12
N THR F 25 56.74 -32.25 22.10
CA THR F 25 58.18 -32.16 21.91
C THR F 25 58.94 -32.69 23.12
N ILE F 26 58.49 -32.33 24.32
CA ILE F 26 59.13 -32.85 25.53
C ILE F 26 58.86 -34.34 25.68
N LYS F 27 57.76 -34.82 25.12
CA LYS F 27 57.48 -36.26 25.19
C LYS F 27 58.31 -37.03 24.17
N ALA F 28 58.86 -36.32 23.17
CA ALA F 28 59.80 -36.95 22.25
C ALA F 28 61.22 -36.90 22.81
N MET F 29 61.58 -35.78 23.44
CA MET F 29 62.90 -35.66 24.05
C MET F 29 63.05 -36.61 25.23
N LEU F 30 61.98 -36.84 25.98
CA LEU F 30 62.01 -37.75 27.11
C LEU F 30 61.82 -39.21 26.70
N SER F 31 61.66 -39.48 25.41
CA SER F 31 61.52 -40.84 24.93
C SER F 31 62.19 -41.00 23.56
N GLU F 43 65.96 -34.99 31.82
CA GLU F 43 66.39 -33.60 31.90
C GLU F 43 66.45 -32.98 30.51
N VAL F 44 65.84 -31.81 30.36
CA VAL F 44 65.83 -31.07 29.10
C VAL F 44 66.19 -29.62 29.37
N ASN F 45 67.07 -29.08 28.54
CA ASN F 45 67.51 -27.69 28.65
C ASN F 45 67.15 -26.97 27.36
N PHE F 46 66.59 -25.76 27.49
CA PHE F 46 66.20 -24.98 26.33
C PHE F 46 67.12 -23.76 26.17
N ILE F 49 64.40 -20.91 25.44
CA ILE F 49 63.25 -20.48 26.21
C ILE F 49 63.67 -19.83 27.52
N PRO F 50 63.35 -18.56 27.69
CA PRO F 50 63.66 -17.86 28.94
C PRO F 50 62.82 -18.39 30.11
N SER F 51 63.38 -18.22 31.31
CA SER F 51 62.71 -18.70 32.52
C SER F 51 61.31 -18.11 32.66
N HIS F 52 61.13 -16.83 32.34
CA HIS F 52 59.82 -16.20 32.48
C HIS F 52 58.81 -16.74 31.48
N VAL F 53 59.26 -17.48 30.47
CA VAL F 53 58.34 -18.13 29.54
C VAL F 53 58.21 -19.62 29.82
N LEU F 54 59.27 -20.22 30.37
CA LEU F 54 59.22 -21.65 30.66
C LEU F 54 58.47 -21.93 31.96
N SER F 55 58.48 -20.97 32.89
CA SER F 55 57.62 -21.08 34.07
C SER F 55 56.16 -20.95 33.68
N LYS F 56 55.86 -20.13 32.68
CA LYS F 56 54.49 -20.03 32.18
C LYS F 56 54.07 -21.33 31.51
N VAL F 57 55.00 -22.04 30.87
CA VAL F 57 54.69 -23.36 30.33
C VAL F 57 54.45 -24.36 31.45
N CYS F 58 55.21 -24.24 32.53
CA CYS F 58 54.99 -25.11 33.69
C CYS F 58 53.65 -24.79 34.35
N MET F 59 53.19 -23.54 34.25
CA MET F 59 51.88 -23.19 34.78
C MET F 59 50.77 -23.71 33.88
N TYR F 60 51.03 -23.76 32.57
CA TYR F 60 50.04 -24.33 31.65
C TYR F 60 49.87 -25.83 31.88
N PHE F 61 50.96 -26.53 32.18
CA PHE F 61 50.86 -27.96 32.44
C PHE F 61 50.01 -28.25 33.67
N THR F 62 50.19 -27.45 34.73
CA THR F 62 49.35 -27.60 35.92
C THR F 62 47.90 -27.23 35.60
N TYR F 63 47.71 -26.18 34.81
CA TYR F 63 46.36 -25.77 34.41
C TYR F 63 45.69 -26.86 33.58
N LYS F 64 46.43 -27.46 32.64
CA LYS F 64 45.85 -28.47 31.76
C LYS F 64 45.45 -29.72 32.54
N VAL F 65 46.35 -30.23 33.38
CA VAL F 65 46.06 -31.45 34.11
C VAL F 65 44.93 -31.24 35.11
N ARG F 66 44.85 -30.06 35.70
CA ARG F 66 43.80 -29.80 36.68
C ARG F 66 42.43 -29.76 36.03
N TYR F 67 42.31 -29.14 34.86
CA TYR F 67 41.00 -28.82 34.30
C TYR F 67 40.61 -29.66 33.10
N THR F 68 41.50 -30.51 32.59
CA THR F 68 41.10 -31.47 31.56
C THR F 68 40.12 -32.48 32.14
N ASN F 69 38.95 -32.61 31.50
CA ASN F 69 37.89 -33.50 31.95
C ASN F 69 37.38 -33.13 33.34
N SER F 70 37.56 -31.88 33.74
CA SER F 70 37.03 -31.41 35.02
C SER F 70 35.54 -31.18 34.94
N SER F 71 34.83 -31.53 36.01
CA SER F 71 33.39 -31.30 36.07
C SER F 71 33.03 -29.84 36.28
N THR F 72 33.94 -29.07 36.87
CA THR F 72 33.67 -27.66 37.15
C THR F 72 33.78 -26.83 35.88
N GLU F 73 33.28 -25.59 35.96
CA GLU F 73 33.63 -24.59 34.97
C GLU F 73 35.12 -24.29 35.06
N ILE F 74 35.67 -23.77 33.96
CA ILE F 74 37.10 -23.68 33.76
C ILE F 74 37.46 -22.20 33.62
N PRO F 75 38.49 -21.72 34.32
CA PRO F 75 38.83 -20.30 34.25
C PRO F 75 39.79 -20.00 33.11
N GLU F 76 39.60 -18.82 32.54
CA GLU F 76 40.46 -18.34 31.47
C GLU F 76 41.92 -18.35 31.90
N PHE F 77 42.76 -19.02 31.12
CA PHE F 77 44.19 -19.00 31.32
C PHE F 77 44.72 -17.60 31.08
N PRO F 78 45.32 -16.96 32.07
CA PRO F 78 45.72 -15.55 31.92
C PRO F 78 47.09 -15.44 31.29
N ILE F 79 47.21 -14.56 30.29
CA ILE F 79 48.45 -14.31 29.58
C ILE F 79 48.69 -12.81 29.54
N ALA F 80 49.89 -12.39 29.97
CA ALA F 80 50.25 -10.98 29.93
C ALA F 80 50.60 -10.55 28.50
N PRO F 81 50.23 -9.33 28.10
CA PRO F 81 50.53 -8.88 26.73
C PRO F 81 52.01 -8.89 26.37
N GLU F 82 52.88 -8.58 27.34
CA GLU F 82 54.31 -8.50 27.04
C GLU F 82 54.93 -9.87 26.81
N ILE F 83 54.33 -10.94 27.33
CA ILE F 83 54.84 -12.28 27.13
C ILE F 83 54.13 -13.02 26.01
N ALA F 84 53.04 -12.45 25.47
CA ALA F 84 52.24 -13.14 24.46
C ALA F 84 53.10 -13.67 23.32
N LEU F 85 53.99 -12.85 22.77
CA LEU F 85 54.76 -13.28 21.61
C LEU F 85 55.84 -14.29 21.99
N GLU F 86 56.54 -14.04 23.10
CA GLU F 86 57.55 -14.98 23.57
C GLU F 86 56.93 -16.33 23.91
N LEU F 87 55.71 -16.34 24.44
CA LEU F 87 55.06 -17.57 24.85
C LEU F 87 54.42 -18.28 23.65
N LEU F 88 53.94 -17.52 22.68
CA LEU F 88 53.44 -18.12 21.44
C LEU F 88 54.55 -18.84 20.71
N MET F 89 55.74 -18.22 20.63
CA MET F 89 56.88 -18.87 19.98
C MET F 89 57.26 -20.15 20.71
N ALA F 90 57.31 -20.10 22.04
CA ALA F 90 57.63 -21.30 22.81
C ALA F 90 56.56 -22.37 22.63
N ALA F 91 55.29 -21.97 22.65
CA ALA F 91 54.21 -22.94 22.49
C ALA F 91 54.20 -23.54 21.10
N ASN F 92 54.51 -22.74 20.09
CA ASN F 92 54.57 -23.27 18.72
C ASN F 92 55.72 -24.26 18.57
N PHE F 93 56.82 -24.02 19.27
CA PHE F 93 57.94 -24.97 19.24
C PHE F 93 57.62 -26.22 20.05
N LEU F 94 56.94 -26.08 21.17
CA LEU F 94 56.60 -27.20 22.03
C LEU F 94 55.47 -28.05 21.43
N ARG G 1 46.19 -21.43 42.77
CA ARG G 1 45.62 -21.80 41.49
C ARG G 1 46.64 -22.51 40.61
N PRO G 2 46.19 -23.52 39.86
CA PRO G 2 47.11 -24.24 38.96
C PRO G 2 47.78 -23.32 37.94
N GLN G 3 47.05 -22.34 37.41
CA GLN G 3 47.62 -21.43 36.44
C GLN G 3 48.35 -20.26 37.09
N ALA G 4 48.30 -20.14 38.41
CA ALA G 4 49.04 -19.10 39.14
C ALA G 4 49.41 -19.65 40.51
N PRO G 5 50.35 -20.59 40.57
CA PRO G 5 50.68 -21.22 41.86
C PRO G 5 51.35 -20.25 42.82
N ALA G 6 51.18 -20.54 44.11
CA ALA G 6 51.79 -19.73 45.16
C ALA G 6 53.23 -20.16 45.40
N ARG H 1 -12.99 53.59 37.17
CA ARG H 1 -13.46 52.94 35.95
C ARG H 1 -14.94 53.22 35.73
N PRO H 2 -15.34 53.42 34.46
CA PRO H 2 -16.76 53.64 34.17
C PRO H 2 -17.66 52.50 34.62
N GLN H 3 -17.21 51.26 34.49
CA GLN H 3 -18.00 50.12 34.91
C GLN H 3 -17.85 49.81 36.40
N ALA H 4 -16.95 50.50 37.10
CA ALA H 4 -16.80 50.35 38.54
C ALA H 4 -16.35 51.68 39.14
N PRO H 5 -17.24 52.67 39.18
CA PRO H 5 -16.84 54.00 39.64
C PRO H 5 -16.50 54.02 41.12
N ALA H 6 -15.65 54.97 41.49
CA ALA H 6 -15.25 55.14 42.88
C ALA H 6 -16.27 55.97 43.64
#